data_1GZM
#
_entry.id   1GZM
#
_cell.length_a   103.820
_cell.length_b   103.820
_cell.length_c   76.590
_cell.angle_alpha   90.00
_cell.angle_beta   90.00
_cell.angle_gamma   120.00
#
_symmetry.space_group_name_H-M   'P 31'
#
loop_
_entity.id
_entity.type
_entity.pdbx_description
1 polymer RHODOPSIN
2 branched beta-D-mannopyranose-(1-4)-2-acetamido-2-deoxy-beta-D-glucopyranose-(1-4)-2-acetamido-2-deoxy-beta-D-glucopyranose
3 non-polymer RETINAL
4 non-polymer 'PALMITIC ACID'
5 non-polymer DI-PALMITOYL-3-SN-PHOSPHATIDYLETHANOLAMINE
6 non-polymer 'LAURYL DIMETHYLAMINE-N-OXIDE'
7 non-polymer (HYDROXYETHYLOXY)TRI(ETHYLOXY)OCTANE
8 non-polymer 'ZINC ION'
9 water water
#
_entity_poly.entity_id   1
_entity_poly.type   'polypeptide(L)'
_entity_poly.pdbx_seq_one_letter_code
;(ACE)MNGTEGPNFYVPFSNKTGVVRSPFEAPQYYLAEPWQFSMLAAYMFLLIMLGFPINFLTLYVTVQHKKLRTPLNYI
LLNLAVADLFMVFGGFTTTLYTSLHGYFVFGPTGCNLEGFFATLGGEIALWSLVVLAIERYVVVCKPMSNFRFGENHAIM
GVAFTWVMALACAAPPLVGWSRYIPEGMQCSCGIDYYTPHEETNNESFVIYMFVVHFIIPLIVIFFCYGQLVFTVKEAAA
QQQESATTQKAEKEVTRMVIIMVIAFLICWLPYAGVAFYIFTHQGSDFGPIFMTIPAFFAKTSAVYNPVIYIMMNKQFRN
CMVTTLCCGKNPLGDDEASTTVSKTETSQVAPA
;
_entity_poly.pdbx_strand_id   A,B
#
# COMPACT_ATOMS: atom_id res chain seq x y z
N MET A 2 -21.71 5.63 -22.77
CA MET A 2 -21.23 6.07 -21.47
C MET A 2 -21.75 5.14 -20.39
N ASN A 3 -20.83 4.55 -19.63
CA ASN A 3 -21.20 3.63 -18.55
C ASN A 3 -21.86 4.38 -17.40
N GLY A 4 -21.52 5.66 -17.26
CA GLY A 4 -22.10 6.48 -16.22
C GLY A 4 -22.66 7.74 -16.85
N THR A 5 -23.04 8.70 -16.02
CA THR A 5 -23.59 9.95 -16.52
C THR A 5 -22.92 11.11 -15.80
N GLU A 6 -22.04 11.80 -16.52
CA GLU A 6 -21.34 12.94 -15.93
C GLU A 6 -22.23 14.15 -16.05
N GLY A 7 -22.12 15.06 -15.08
CA GLY A 7 -22.91 16.28 -15.06
C GLY A 7 -21.98 17.41 -14.65
N PRO A 8 -22.42 18.68 -14.70
CA PRO A 8 -21.45 19.69 -14.29
C PRO A 8 -20.75 19.41 -12.97
N ASN A 9 -21.48 18.86 -12.01
CA ASN A 9 -20.91 18.58 -10.70
C ASN A 9 -21.32 17.24 -10.07
N PHE A 10 -21.48 16.21 -10.89
CA PHE A 10 -21.86 14.91 -10.39
C PHE A 10 -21.51 13.80 -11.37
N TYR A 11 -21.58 12.56 -10.89
CA TYR A 11 -21.29 11.40 -11.71
C TYR A 11 -22.13 10.24 -11.22
N VAL A 12 -23.29 10.06 -11.84
CA VAL A 12 -24.19 8.97 -11.50
C VAL A 12 -23.65 7.71 -12.14
N PRO A 13 -23.42 6.65 -11.34
CA PRO A 13 -22.90 5.41 -11.93
C PRO A 13 -24.03 4.57 -12.52
N PHE A 14 -24.71 5.14 -13.51
CA PHE A 14 -25.82 4.48 -14.19
C PHE A 14 -25.91 5.04 -15.60
N SER A 15 -26.10 4.17 -16.60
CA SER A 15 -26.20 4.62 -18.00
C SER A 15 -27.47 5.43 -18.26
N ASN A 16 -27.36 6.48 -19.07
CA ASN A 16 -28.53 7.30 -19.35
C ASN A 16 -29.13 7.00 -20.73
N LYS A 17 -28.96 5.78 -21.22
CA LYS A 17 -29.51 5.42 -22.52
C LYS A 17 -31.04 5.41 -22.45
N THR A 18 -31.58 5.26 -21.24
CA THR A 18 -33.03 5.23 -21.05
C THR A 18 -33.55 6.58 -20.56
N GLY A 19 -32.66 7.57 -20.54
CA GLY A 19 -33.04 8.92 -20.12
C GLY A 19 -33.56 9.10 -18.71
N VAL A 20 -33.44 8.06 -17.88
CA VAL A 20 -33.94 8.16 -16.52
C VAL A 20 -33.01 8.92 -15.55
N VAL A 21 -31.70 8.84 -15.79
CA VAL A 21 -30.75 9.51 -14.92
C VAL A 21 -31.12 10.98 -14.71
N ARG A 22 -30.97 11.43 -13.46
CA ARG A 22 -31.25 12.81 -13.04
C ARG A 22 -30.10 13.23 -12.13
N SER A 23 -29.97 14.52 -11.88
CA SER A 23 -28.91 15.02 -11.00
C SER A 23 -29.19 14.74 -9.52
N PRO A 24 -28.20 14.19 -8.79
CA PRO A 24 -28.39 13.89 -7.37
C PRO A 24 -28.64 15.14 -6.54
N PHE A 25 -28.63 16.29 -7.21
CA PHE A 25 -28.88 17.56 -6.54
C PHE A 25 -30.29 18.09 -6.89
N GLU A 26 -30.90 17.52 -7.93
CA GLU A 26 -32.21 17.97 -8.37
C GLU A 26 -33.36 17.01 -8.06
N ALA A 27 -33.14 15.70 -8.14
CA ALA A 27 -34.20 14.75 -7.88
C ALA A 27 -33.80 13.40 -7.28
N PRO A 28 -34.77 12.70 -6.68
CA PRO A 28 -34.56 11.39 -6.05
C PRO A 28 -33.83 10.45 -6.99
N GLN A 29 -33.06 9.52 -6.45
CA GLN A 29 -32.29 8.59 -7.26
C GLN A 29 -32.83 7.17 -7.22
N TYR A 30 -34.11 7.04 -6.96
CA TYR A 30 -34.77 5.73 -6.87
C TYR A 30 -34.61 4.82 -8.10
N TYR A 31 -34.21 5.38 -9.22
CA TYR A 31 -34.01 4.56 -10.41
C TYR A 31 -32.70 3.76 -10.26
N LEU A 32 -31.86 4.21 -9.33
CA LEU A 32 -30.55 3.58 -9.06
C LEU A 32 -30.65 2.26 -8.32
N ALA A 33 -31.58 2.18 -7.37
CA ALA A 33 -31.79 0.98 -6.57
C ALA A 33 -33.19 1.02 -5.95
N GLU A 34 -33.57 -0.02 -5.21
CA GLU A 34 -34.90 -0.04 -4.60
C GLU A 34 -35.01 0.95 -3.43
N PRO A 35 -36.17 1.61 -3.30
CA PRO A 35 -36.36 2.59 -2.21
C PRO A 35 -36.18 1.98 -0.84
N TRP A 36 -36.37 0.67 -0.71
CA TRP A 36 -36.18 0.08 0.60
C TRP A 36 -34.69 0.09 0.95
N GLN A 37 -33.84 0.13 -0.07
CA GLN A 37 -32.40 0.18 0.13
C GLN A 37 -32.01 1.57 0.65
N PHE A 38 -32.74 2.60 0.22
CA PHE A 38 -32.46 3.95 0.68
C PHE A 38 -32.94 4.04 2.13
N SER A 39 -33.92 3.22 2.46
CA SER A 39 -34.45 3.20 3.82
C SER A 39 -33.42 2.52 4.72
N MET A 40 -32.72 1.53 4.17
CA MET A 40 -31.70 0.82 4.92
C MET A 40 -30.57 1.79 5.26
N LEU A 41 -30.12 2.57 4.27
CA LEU A 41 -29.06 3.54 4.53
C LEU A 41 -29.52 4.49 5.62
N ALA A 42 -30.72 5.03 5.45
CA ALA A 42 -31.29 5.96 6.41
C ALA A 42 -31.28 5.36 7.79
N ALA A 43 -31.82 4.14 7.89
CA ALA A 43 -31.90 3.43 9.17
C ALA A 43 -30.50 3.30 9.75
N TYR A 44 -29.57 2.95 8.88
CA TYR A 44 -28.17 2.78 9.23
C TYR A 44 -27.60 4.08 9.81
N MET A 45 -27.73 5.18 9.07
CA MET A 45 -27.19 6.46 9.55
C MET A 45 -27.81 6.83 10.88
N PHE A 46 -29.09 6.54 11.02
CA PHE A 46 -29.80 6.84 12.24
C PHE A 46 -29.13 6.14 13.43
N LEU A 47 -28.78 4.88 13.26
CA LEU A 47 -28.11 4.11 14.31
C LEU A 47 -26.74 4.72 14.61
N LEU A 48 -26.02 5.11 13.58
CA LEU A 48 -24.71 5.70 13.77
C LEU A 48 -24.84 6.98 14.58
N ILE A 49 -25.87 7.76 14.29
CA ILE A 49 -26.07 9.00 15.01
C ILE A 49 -26.45 8.73 16.45
N MET A 50 -27.41 7.83 16.65
CA MET A 50 -27.84 7.52 17.99
C MET A 50 -26.79 6.79 18.82
N LEU A 51 -25.83 6.14 18.17
CA LEU A 51 -24.76 5.46 18.90
C LEU A 51 -23.60 6.43 19.08
N GLY A 52 -23.23 7.08 17.98
CA GLY A 52 -22.12 8.03 17.98
C GLY A 52 -22.29 9.25 18.87
N PHE A 53 -23.47 9.83 18.91
CA PHE A 53 -23.71 10.98 19.76
C PHE A 53 -23.38 10.68 21.23
N PRO A 54 -24.07 9.68 21.83
CA PRO A 54 -23.76 9.38 23.23
C PRO A 54 -22.38 8.78 23.57
N ILE A 55 -21.81 7.89 22.76
CA ILE A 55 -20.51 7.34 23.16
C ILE A 55 -19.37 8.34 23.07
N ASN A 56 -19.43 9.26 22.12
CA ASN A 56 -18.38 10.26 21.98
C ASN A 56 -18.54 11.33 23.06
N PHE A 57 -19.74 11.87 23.19
CA PHE A 57 -19.98 12.88 24.20
C PHE A 57 -19.56 12.32 25.55
N LEU A 58 -20.00 11.11 25.86
CA LEU A 58 -19.68 10.46 27.12
C LEU A 58 -18.17 10.43 27.30
N THR A 59 -17.46 10.01 26.26
CA THR A 59 -16.01 9.97 26.31
C THR A 59 -15.50 11.37 26.65
N LEU A 60 -15.92 12.36 25.87
CA LEU A 60 -15.53 13.74 26.10
C LEU A 60 -15.86 14.19 27.53
N TYR A 61 -17.11 14.00 27.92
CA TYR A 61 -17.56 14.37 29.26
C TYR A 61 -16.72 13.71 30.36
N VAL A 62 -16.66 12.39 30.38
CA VAL A 62 -15.89 11.67 31.39
C VAL A 62 -14.42 12.12 31.49
N THR A 63 -13.83 12.49 30.36
CA THR A 63 -12.44 12.92 30.33
C THR A 63 -12.26 14.26 31.00
N VAL A 64 -13.09 15.23 30.62
CA VAL A 64 -13.05 16.56 31.19
C VAL A 64 -13.26 16.50 32.70
N GLN A 65 -14.23 15.71 33.12
CA GLN A 65 -14.56 15.56 34.52
C GLN A 65 -13.46 14.96 35.40
N HIS A 66 -12.66 14.06 34.85
CA HIS A 66 -11.58 13.44 35.62
C HIS A 66 -10.20 14.02 35.32
N LYS A 67 -9.69 14.81 36.24
CA LYS A 67 -8.39 15.45 36.09
C LYS A 67 -7.22 14.48 35.91
N LYS A 68 -7.28 13.29 36.52
CA LYS A 68 -6.16 12.35 36.36
C LYS A 68 -6.03 11.87 34.91
N LEU A 69 -7.06 12.06 34.10
CA LEU A 69 -7.04 11.65 32.70
C LEU A 69 -6.35 12.67 31.81
N ARG A 70 -5.06 12.91 32.05
CA ARG A 70 -4.31 13.91 31.28
C ARG A 70 -3.03 13.39 30.63
N THR A 71 -3.07 12.16 30.12
CA THR A 71 -1.91 11.58 29.45
C THR A 71 -2.13 11.75 27.95
N PRO A 72 -1.10 11.47 27.13
CA PRO A 72 -1.26 11.61 25.67
C PRO A 72 -2.45 10.83 25.13
N LEU A 73 -2.60 9.58 25.58
CA LEU A 73 -3.71 8.74 25.14
C LEU A 73 -5.03 9.44 25.47
N ASN A 74 -5.19 9.81 26.74
CA ASN A 74 -6.39 10.50 27.20
C ASN A 74 -6.69 11.67 26.26
N TYR A 75 -5.64 12.42 25.95
CA TYR A 75 -5.76 13.57 25.07
C TYR A 75 -6.17 13.17 23.65
N ILE A 76 -5.52 12.14 23.10
CA ILE A 76 -5.86 11.72 21.75
C ILE A 76 -7.29 11.21 21.65
N LEU A 77 -7.73 10.46 22.63
CA LEU A 77 -9.09 9.97 22.54
C LEU A 77 -10.13 11.06 22.75
N LEU A 78 -9.83 12.05 23.56
CA LEU A 78 -10.76 13.16 23.74
C LEU A 78 -10.87 13.81 22.36
N ASN A 79 -9.74 13.93 21.68
CA ASN A 79 -9.67 14.54 20.36
C ASN A 79 -10.60 13.82 19.37
N LEU A 80 -10.49 12.50 19.34
CA LEU A 80 -11.32 11.69 18.45
C LEU A 80 -12.79 11.91 18.79
N ALA A 81 -13.08 11.99 20.09
CA ALA A 81 -14.44 12.20 20.55
C ALA A 81 -14.99 13.46 19.91
N VAL A 82 -14.17 14.51 19.85
CA VAL A 82 -14.62 15.76 19.25
C VAL A 82 -14.74 15.58 17.73
N ALA A 83 -13.77 14.92 17.13
CA ALA A 83 -13.81 14.66 15.69
C ALA A 83 -15.09 13.92 15.31
N ASP A 84 -15.42 12.89 16.09
CA ASP A 84 -16.61 12.10 15.84
C ASP A 84 -17.91 12.90 16.00
N LEU A 85 -17.95 13.83 16.95
CA LEU A 85 -19.16 14.61 17.14
C LEU A 85 -19.33 15.51 15.93
N PHE A 86 -18.21 15.89 15.32
CA PHE A 86 -18.24 16.72 14.11
C PHE A 86 -18.73 15.86 12.95
N MET A 87 -18.36 14.59 12.94
CA MET A 87 -18.82 13.71 11.88
C MET A 87 -20.31 13.50 12.04
N VAL A 88 -20.71 13.14 13.26
CA VAL A 88 -22.12 12.91 13.53
C VAL A 88 -22.96 14.11 13.13
N PHE A 89 -22.78 15.21 13.87
CA PHE A 89 -23.57 16.41 13.64
C PHE A 89 -23.28 17.23 12.40
N GLY A 90 -22.04 17.26 11.95
CA GLY A 90 -21.74 18.05 10.78
C GLY A 90 -22.05 17.31 9.50
N GLY A 91 -21.91 15.98 9.55
CA GLY A 91 -22.15 15.20 8.34
C GLY A 91 -23.24 14.14 8.30
N PHE A 92 -23.33 13.30 9.32
CA PHE A 92 -24.32 12.22 9.30
C PHE A 92 -25.77 12.70 9.24
N THR A 93 -26.08 13.79 9.94
CA THR A 93 -27.43 14.34 9.94
C THR A 93 -27.83 14.63 8.48
N THR A 94 -26.87 15.08 7.69
CA THR A 94 -27.12 15.38 6.29
C THR A 94 -27.23 14.11 5.43
N THR A 95 -26.36 13.15 5.67
CA THR A 95 -26.41 11.93 4.90
C THR A 95 -27.69 11.18 5.26
N LEU A 96 -28.13 11.28 6.51
CA LEU A 96 -29.38 10.64 6.92
C LEU A 96 -30.50 11.26 6.11
N TYR A 97 -30.65 12.57 6.26
CA TYR A 97 -31.68 13.32 5.56
C TYR A 97 -31.61 13.09 4.06
N THR A 98 -30.40 13.02 3.51
CA THR A 98 -30.26 12.80 2.08
C THR A 98 -30.80 11.40 1.72
N SER A 99 -30.48 10.41 2.54
CA SER A 99 -30.95 9.05 2.29
C SER A 99 -32.47 8.96 2.32
N LEU A 100 -33.08 9.73 3.20
CA LEU A 100 -34.55 9.74 3.34
C LEU A 100 -35.20 10.29 2.07
N HIS A 101 -34.65 11.36 1.51
CA HIS A 101 -35.21 11.93 0.29
C HIS A 101 -34.64 11.28 -0.96
N GLY A 102 -33.62 10.45 -0.79
CA GLY A 102 -33.03 9.77 -1.94
C GLY A 102 -32.15 10.66 -2.81
N TYR A 103 -31.77 11.83 -2.29
CA TYR A 103 -30.90 12.73 -3.01
C TYR A 103 -30.53 13.93 -2.16
N PHE A 104 -29.57 14.72 -2.62
CA PHE A 104 -29.13 15.89 -1.87
C PHE A 104 -30.02 17.11 -2.06
N VAL A 105 -31.11 17.16 -1.31
CA VAL A 105 -32.04 18.28 -1.40
C VAL A 105 -31.37 19.56 -0.93
N PHE A 106 -30.27 19.40 -0.20
CA PHE A 106 -29.51 20.56 0.27
C PHE A 106 -28.50 20.97 -0.78
N GLY A 107 -28.59 20.37 -1.97
CA GLY A 107 -27.68 20.67 -3.05
C GLY A 107 -26.21 20.46 -2.72
N PRO A 108 -25.31 21.05 -3.51
CA PRO A 108 -23.87 20.91 -3.29
C PRO A 108 -23.42 21.30 -1.89
N THR A 109 -24.11 22.25 -1.28
CA THR A 109 -23.70 22.64 0.05
C THR A 109 -23.88 21.46 0.99
N GLY A 110 -24.94 20.69 0.81
CA GLY A 110 -25.15 19.52 1.65
C GLY A 110 -24.06 18.49 1.42
N CYS A 111 -23.73 18.29 0.15
CA CYS A 111 -22.71 17.35 -0.25
C CYS A 111 -21.36 17.74 0.35
N ASN A 112 -21.09 19.05 0.43
CA ASN A 112 -19.83 19.47 1.01
C ASN A 112 -19.79 19.10 2.48
N LEU A 113 -20.89 19.33 3.18
CA LEU A 113 -20.94 18.98 4.60
C LEU A 113 -20.67 17.49 4.83
N GLU A 114 -21.35 16.66 4.06
CA GLU A 114 -21.24 15.21 4.15
C GLU A 114 -19.81 14.77 3.88
N GLY A 115 -19.25 15.29 2.79
CA GLY A 115 -17.89 14.94 2.41
C GLY A 115 -16.80 15.51 3.32
N PHE A 116 -16.97 16.77 3.71
CA PHE A 116 -15.98 17.40 4.56
C PHE A 116 -15.79 16.66 5.89
N PHE A 117 -16.83 16.62 6.71
CA PHE A 117 -16.74 15.97 8.01
C PHE A 117 -16.38 14.50 7.99
N ALA A 118 -16.73 13.82 6.91
CA ALA A 118 -16.39 12.42 6.82
C ALA A 118 -14.88 12.40 6.65
N THR A 119 -14.42 13.10 5.62
CA THR A 119 -13.00 13.19 5.33
C THR A 119 -12.24 13.70 6.55
N LEU A 120 -12.75 14.74 7.18
CA LEU A 120 -12.10 15.31 8.35
C LEU A 120 -12.00 14.28 9.48
N GLY A 121 -13.12 13.63 9.78
CA GLY A 121 -13.12 12.64 10.85
C GLY A 121 -12.18 11.48 10.58
N GLY A 122 -12.19 10.98 9.35
CA GLY A 122 -11.32 9.88 8.98
C GLY A 122 -9.86 10.28 9.14
N GLU A 123 -9.47 11.40 8.53
CA GLU A 123 -8.11 11.88 8.60
C GLU A 123 -7.67 12.20 10.03
N ILE A 124 -8.53 12.81 10.84
CA ILE A 124 -8.17 13.10 12.21
C ILE A 124 -7.85 11.79 12.92
N ALA A 125 -8.61 10.75 12.61
CA ALA A 125 -8.35 9.46 13.21
C ALA A 125 -7.01 8.90 12.73
N LEU A 126 -6.73 9.06 11.44
CA LEU A 126 -5.48 8.56 10.86
C LEU A 126 -4.27 9.23 11.47
N TRP A 127 -4.24 10.56 11.40
CA TRP A 127 -3.12 11.29 11.95
C TRP A 127 -3.03 11.15 13.46
N SER A 128 -4.15 10.91 14.13
CA SER A 128 -4.12 10.72 15.57
C SER A 128 -3.32 9.43 15.82
N LEU A 129 -3.52 8.44 14.96
CA LEU A 129 -2.81 7.18 15.08
C LEU A 129 -1.29 7.41 14.99
N VAL A 130 -0.90 8.36 14.15
CA VAL A 130 0.50 8.70 13.98
C VAL A 130 1.02 9.22 15.30
N VAL A 131 0.37 10.25 15.83
CA VAL A 131 0.77 10.82 17.12
C VAL A 131 0.88 9.75 18.22
N LEU A 132 -0.08 8.84 18.29
CA LEU A 132 -0.03 7.79 19.31
C LEU A 132 1.16 6.85 19.11
N ALA A 133 1.39 6.44 17.86
CA ALA A 133 2.49 5.53 17.59
C ALA A 133 3.81 6.18 17.96
N ILE A 134 3.94 7.48 17.66
CA ILE A 134 5.16 8.21 17.98
C ILE A 134 5.29 8.30 19.49
N GLU A 135 4.17 8.57 20.17
CA GLU A 135 4.16 8.66 21.62
C GLU A 135 4.56 7.29 22.20
N ARG A 136 4.06 6.20 21.62
CA ARG A 136 4.40 4.87 22.11
C ARG A 136 5.89 4.63 21.86
N TYR A 137 6.37 5.13 20.72
CA TYR A 137 7.77 5.00 20.35
C TYR A 137 8.64 5.72 21.38
N VAL A 138 8.39 7.00 21.56
CA VAL A 138 9.15 7.79 22.52
C VAL A 138 9.09 7.23 23.95
N VAL A 139 7.91 6.85 24.39
CA VAL A 139 7.74 6.35 25.74
C VAL A 139 8.20 4.92 26.01
N VAL A 140 8.26 4.09 24.97
CA VAL A 140 8.67 2.70 25.15
C VAL A 140 10.10 2.40 24.74
N CYS A 141 10.73 3.33 24.03
CA CYS A 141 12.10 3.14 23.58
C CYS A 141 12.97 4.32 23.93
N LYS A 142 12.32 5.42 24.31
CA LYS A 142 12.99 6.67 24.65
C LYS A 142 14.29 6.94 23.90
N PRO A 143 14.21 7.00 22.55
CA PRO A 143 15.36 7.25 21.68
C PRO A 143 16.00 8.61 21.94
N MET A 144 15.24 9.68 21.74
CA MET A 144 15.77 11.03 21.97
C MET A 144 16.28 11.12 23.40
N SER A 145 17.08 12.15 23.69
CA SER A 145 17.66 12.33 25.02
C SER A 145 16.65 12.38 26.16
N ASN A 146 17.06 13.00 27.27
CA ASN A 146 16.20 13.13 28.44
C ASN A 146 15.05 14.06 28.08
N PHE A 147 14.07 13.52 27.35
CA PHE A 147 12.93 14.28 26.88
C PHE A 147 11.63 13.83 27.54
N ARG A 148 10.64 14.73 27.57
CA ARG A 148 9.34 14.40 28.16
C ARG A 148 8.15 14.70 27.25
N PHE A 149 7.50 13.64 26.79
CA PHE A 149 6.33 13.77 25.93
C PHE A 149 5.15 13.93 26.91
N GLY A 150 5.06 15.12 27.52
CA GLY A 150 4.02 15.38 28.49
C GLY A 150 2.78 16.06 27.97
N GLU A 151 2.08 16.75 28.87
CA GLU A 151 0.86 17.45 28.51
C GLU A 151 1.04 18.46 27.40
N ASN A 152 2.14 19.20 27.46
CA ASN A 152 2.42 20.21 26.46
C ASN A 152 2.44 19.63 25.05
N HIS A 153 3.16 18.54 24.88
CA HIS A 153 3.24 17.91 23.58
C HIS A 153 1.90 17.31 23.19
N ALA A 154 1.11 16.91 24.19
CA ALA A 154 -0.20 16.35 23.94
C ALA A 154 -1.01 17.38 23.14
N ILE A 155 -1.07 18.60 23.66
CA ILE A 155 -1.78 19.69 23.00
C ILE A 155 -1.23 19.87 21.58
N MET A 156 0.09 19.95 21.47
CA MET A 156 0.71 20.11 20.17
C MET A 156 0.38 18.92 19.29
N GLY A 157 0.24 17.75 19.90
CA GLY A 157 -0.10 16.56 19.15
C GLY A 157 -1.50 16.69 18.56
N VAL A 158 -2.44 17.14 19.39
CA VAL A 158 -3.81 17.31 18.92
C VAL A 158 -3.89 18.35 17.79
N ALA A 159 -3.33 19.52 18.02
CA ALA A 159 -3.36 20.58 17.00
C ALA A 159 -2.83 20.04 15.69
N PHE A 160 -1.77 19.25 15.78
CA PHE A 160 -1.13 18.67 14.62
C PHE A 160 -2.14 17.89 13.77
N THR A 161 -2.87 16.95 14.40
CA THR A 161 -3.88 16.15 13.70
C THR A 161 -4.92 17.00 12.97
N TRP A 162 -5.27 18.15 13.53
CA TRP A 162 -6.25 19.00 12.88
C TRP A 162 -5.64 19.69 11.68
N VAL A 163 -4.35 19.98 11.77
CA VAL A 163 -3.67 20.66 10.67
C VAL A 163 -3.58 19.73 9.46
N MET A 164 -3.14 18.51 9.69
CA MET A 164 -3.03 17.57 8.59
C MET A 164 -4.42 17.25 8.03
N ALA A 165 -5.35 16.87 8.89
CA ALA A 165 -6.69 16.56 8.42
C ALA A 165 -7.38 17.68 7.62
N LEU A 166 -7.15 18.93 7.99
CA LEU A 166 -7.77 20.03 7.26
C LEU A 166 -7.04 20.22 5.94
N ALA A 167 -5.75 19.87 5.94
CA ALA A 167 -4.94 19.97 4.74
C ALA A 167 -5.48 18.99 3.71
N CYS A 168 -6.22 17.99 4.17
CA CYS A 168 -6.80 17.04 3.24
C CYS A 168 -8.29 17.33 2.95
N ALA A 169 -9.03 17.69 3.98
CA ALA A 169 -10.45 17.94 3.83
C ALA A 169 -10.89 19.28 3.27
N ALA A 170 -10.14 20.34 3.54
CA ALA A 170 -10.53 21.69 3.08
C ALA A 170 -10.24 22.10 1.63
N PRO A 171 -9.05 21.79 1.10
CA PRO A 171 -8.73 22.15 -0.28
C PRO A 171 -9.86 21.92 -1.29
N PRO A 172 -10.57 20.79 -1.16
CA PRO A 172 -11.67 20.52 -2.09
C PRO A 172 -12.89 21.42 -1.88
N LEU A 173 -12.86 22.24 -0.83
CA LEU A 173 -13.94 23.18 -0.55
C LEU A 173 -13.68 24.48 -1.28
N VAL A 174 -12.42 24.76 -1.60
CA VAL A 174 -12.04 26.00 -2.27
C VAL A 174 -11.37 25.91 -3.63
N GLY A 175 -11.64 24.86 -4.41
CA GLY A 175 -11.02 24.76 -5.72
C GLY A 175 -10.10 23.61 -6.05
N TRP A 176 -9.54 22.92 -5.06
CA TRP A 176 -8.67 21.80 -5.39
C TRP A 176 -9.47 20.51 -5.17
N SER A 177 -9.90 19.92 -6.29
CA SER A 177 -10.74 18.73 -6.26
C SER A 177 -12.09 19.22 -5.72
N ARG A 178 -12.99 18.29 -5.42
CA ARG A 178 -14.30 18.68 -4.90
C ARG A 178 -15.07 17.49 -4.30
N TYR A 179 -16.01 17.78 -3.41
CA TYR A 179 -16.83 16.72 -2.84
C TYR A 179 -17.91 16.41 -3.87
N ILE A 180 -18.18 15.13 -4.06
CA ILE A 180 -19.13 14.71 -5.07
C ILE A 180 -19.92 13.48 -4.63
N PRO A 181 -21.18 13.34 -5.06
CA PRO A 181 -21.96 12.17 -4.67
C PRO A 181 -21.36 10.84 -5.15
N GLU A 182 -21.50 9.81 -4.30
CA GLU A 182 -20.99 8.48 -4.61
C GLU A 182 -22.03 7.40 -4.46
N GLY A 183 -21.80 6.27 -5.12
CA GLY A 183 -22.71 5.15 -5.04
C GLY A 183 -24.16 5.46 -5.35
N MET A 184 -25.03 5.21 -4.38
CA MET A 184 -26.44 5.49 -4.58
C MET A 184 -26.68 6.99 -4.52
N GLN A 185 -25.59 7.75 -4.48
CA GLN A 185 -25.67 9.21 -4.45
C GLN A 185 -26.14 9.81 -3.15
N CYS A 186 -25.99 9.09 -2.04
CA CYS A 186 -26.44 9.64 -0.76
C CYS A 186 -25.34 9.96 0.23
N SER A 187 -24.10 9.88 -0.22
CA SER A 187 -22.96 10.24 0.60
C SER A 187 -22.00 10.86 -0.40
N CYS A 188 -21.13 11.73 0.08
CA CYS A 188 -20.19 12.42 -0.80
C CYS A 188 -18.73 12.14 -0.44
N GLY A 189 -17.91 11.95 -1.47
CA GLY A 189 -16.49 11.72 -1.28
C GLY A 189 -15.67 12.58 -2.23
N ILE A 190 -14.35 12.42 -2.19
CA ILE A 190 -13.48 13.16 -3.06
C ILE A 190 -13.77 12.71 -4.49
N ASP A 191 -13.53 13.57 -5.47
CA ASP A 191 -13.81 13.21 -6.86
C ASP A 191 -12.74 12.32 -7.52
N TYR A 192 -12.95 11.01 -7.46
CA TYR A 192 -12.04 10.06 -8.07
C TYR A 192 -12.66 9.68 -9.41
N TYR A 193 -13.87 10.19 -9.64
CA TYR A 193 -14.67 9.88 -10.83
C TYR A 193 -14.35 10.59 -12.13
N THR A 194 -14.00 11.87 -12.06
CA THR A 194 -13.70 12.63 -13.26
C THR A 194 -12.38 13.38 -13.15
N PRO A 195 -11.78 13.72 -14.29
CA PRO A 195 -10.51 14.45 -14.27
C PRO A 195 -10.74 15.94 -13.97
N HIS A 196 -11.89 16.45 -14.41
CA HIS A 196 -12.29 17.84 -14.21
C HIS A 196 -11.10 18.74 -13.91
N GLU A 197 -10.27 18.94 -14.94
CA GLU A 197 -9.04 19.73 -14.87
C GLU A 197 -9.14 21.12 -14.22
N GLU A 198 -10.33 21.73 -14.25
CA GLU A 198 -10.52 23.06 -13.67
C GLU A 198 -10.29 23.09 -12.16
N THR A 199 -10.46 21.95 -11.52
CA THR A 199 -10.25 21.87 -10.08
C THR A 199 -9.06 20.97 -9.78
N ASN A 200 -8.31 20.63 -10.84
CA ASN A 200 -7.12 19.79 -10.74
C ASN A 200 -7.33 18.51 -9.94
N ASN A 201 -8.42 17.81 -10.25
CA ASN A 201 -8.75 16.57 -9.57
C ASN A 201 -7.59 15.59 -9.44
N GLU A 202 -7.06 15.16 -10.58
CA GLU A 202 -5.97 14.20 -10.63
C GLU A 202 -4.89 14.45 -9.56
N SER A 203 -4.34 15.67 -9.53
CA SER A 203 -3.28 15.94 -8.58
C SER A 203 -3.69 15.88 -7.11
N PHE A 204 -4.97 16.10 -6.81
CA PHE A 204 -5.41 16.05 -5.43
C PHE A 204 -5.52 14.61 -4.96
N VAL A 205 -6.09 13.76 -5.81
CA VAL A 205 -6.25 12.35 -5.47
C VAL A 205 -4.88 11.77 -5.14
N ILE A 206 -3.88 12.12 -5.95
CA ILE A 206 -2.52 11.64 -5.72
C ILE A 206 -2.03 12.17 -4.38
N TYR A 207 -2.19 13.47 -4.17
CA TYR A 207 -1.76 14.12 -2.94
C TYR A 207 -2.40 13.42 -1.74
N MET A 208 -3.70 13.17 -1.84
CA MET A 208 -4.46 12.51 -0.78
C MET A 208 -3.94 11.12 -0.40
N PHE A 209 -3.85 10.23 -1.39
CA PHE A 209 -3.38 8.87 -1.15
C PHE A 209 -1.95 8.80 -0.65
N VAL A 210 -1.11 9.71 -1.13
CA VAL A 210 0.28 9.72 -0.73
C VAL A 210 0.56 10.38 0.61
N VAL A 211 0.05 11.59 0.77
CA VAL A 211 0.27 12.33 2.02
C VAL A 211 -0.72 12.00 3.12
N HIS A 212 -1.96 11.70 2.73
CA HIS A 212 -2.99 11.41 3.72
C HIS A 212 -3.42 9.97 3.86
N PHE A 213 -2.55 9.07 3.46
CA PHE A 213 -2.80 7.64 3.60
C PHE A 213 -1.46 6.93 3.74
N ILE A 214 -0.69 6.90 2.65
CA ILE A 214 0.62 6.24 2.67
C ILE A 214 1.62 6.77 3.69
N ILE A 215 1.98 8.05 3.59
CA ILE A 215 2.95 8.59 4.53
C ILE A 215 2.59 8.24 5.97
N PRO A 216 1.35 8.54 6.40
CA PRO A 216 0.95 8.21 7.78
C PRO A 216 1.22 6.74 8.12
N LEU A 217 0.89 5.84 7.19
CA LEU A 217 1.10 4.41 7.39
C LEU A 217 2.59 4.08 7.47
N ILE A 218 3.41 4.75 6.67
CA ILE A 218 4.85 4.57 6.72
C ILE A 218 5.31 4.90 8.14
N VAL A 219 4.94 6.09 8.62
CA VAL A 219 5.33 6.52 9.97
C VAL A 219 4.91 5.54 11.06
N ILE A 220 3.67 5.08 11.01
CA ILE A 220 3.20 4.13 12.01
C ILE A 220 3.97 2.82 11.92
N PHE A 221 4.19 2.35 10.68
CA PHE A 221 4.93 1.12 10.43
C PHE A 221 6.34 1.20 11.03
N PHE A 222 6.95 2.37 10.87
CA PHE A 222 8.28 2.61 11.39
C PHE A 222 8.24 2.46 12.91
N CYS A 223 7.28 3.13 13.54
CA CYS A 223 7.15 3.06 15.00
C CYS A 223 6.91 1.63 15.43
N TYR A 224 6.07 0.91 14.70
CA TYR A 224 5.77 -0.48 15.02
C TYR A 224 7.07 -1.26 14.92
N GLY A 225 7.95 -0.84 14.02
CA GLY A 225 9.23 -1.52 13.88
C GLY A 225 10.06 -1.35 15.15
N GLN A 226 10.17 -0.11 15.61
CA GLN A 226 10.93 0.20 16.81
C GLN A 226 10.40 -0.49 18.07
N LEU A 227 9.09 -0.76 18.12
CA LEU A 227 8.50 -1.40 19.28
C LEU A 227 8.69 -2.93 19.30
N VAL A 228 8.61 -3.56 18.13
CA VAL A 228 8.82 -5.01 18.05
C VAL A 228 10.27 -5.29 18.44
N PHE A 229 11.18 -4.51 17.86
CA PHE A 229 12.61 -4.61 18.13
C PHE A 229 12.89 -4.49 19.64
N THR A 230 12.46 -3.39 20.23
CA THR A 230 12.66 -3.10 21.65
C THR A 230 11.98 -4.10 22.60
N VAL A 231 10.70 -4.38 22.40
CA VAL A 231 10.00 -5.33 23.25
C VAL A 231 10.78 -6.65 23.18
N LYS A 232 11.73 -6.70 22.23
CA LYS A 232 12.55 -7.88 22.01
C LYS A 232 13.95 -7.83 22.64
N GLU A 233 14.83 -6.95 22.15
CA GLU A 233 16.19 -6.87 22.69
C GLU A 233 16.74 -5.47 23.00
N ALA A 234 15.91 -4.44 22.91
CA ALA A 234 16.36 -3.09 23.22
C ALA A 234 15.73 -2.60 24.51
N ALA A 235 14.90 -3.46 25.11
CA ALA A 235 14.20 -3.14 26.35
C ALA A 235 14.68 -3.95 27.55
N ALA A 236 15.31 -5.09 27.30
CA ALA A 236 15.82 -5.94 28.37
C ALA A 236 17.05 -5.24 28.96
N GLN A 237 17.47 -4.17 28.28
CA GLN A 237 18.61 -3.38 28.71
C GLN A 237 18.12 -2.03 29.23
N GLN A 238 16.82 -1.79 29.10
CA GLN A 238 16.20 -0.56 29.59
C GLN A 238 15.60 -0.83 30.95
N GLN A 239 15.82 -2.05 31.43
CA GLN A 239 15.33 -2.49 32.74
C GLN A 239 13.87 -2.16 32.99
N GLU A 240 13.05 -2.21 31.94
CA GLU A 240 11.63 -1.93 32.07
C GLU A 240 11.05 -2.87 33.13
N SER A 241 10.75 -2.34 34.31
CA SER A 241 10.20 -3.15 35.38
C SER A 241 8.91 -3.82 34.91
N ALA A 242 8.81 -5.13 35.16
CA ALA A 242 7.64 -5.90 34.75
C ALA A 242 6.31 -5.29 35.20
N THR A 243 6.35 -4.40 36.18
CA THR A 243 5.13 -3.77 36.69
C THR A 243 4.59 -2.66 35.78
N THR A 244 5.51 -1.91 35.17
CA THR A 244 5.11 -0.84 34.26
C THR A 244 4.76 -1.41 32.89
N GLN A 245 5.61 -2.32 32.41
CA GLN A 245 5.39 -2.96 31.11
C GLN A 245 3.99 -3.53 30.99
N LYS A 246 3.45 -4.08 32.07
CA LYS A 246 2.13 -4.67 32.04
C LYS A 246 1.03 -3.62 31.82
N ALA A 247 1.33 -2.37 32.20
CA ALA A 247 0.37 -1.27 32.02
C ALA A 247 0.71 -0.50 30.75
N GLU A 248 1.96 -0.60 30.32
CA GLU A 248 2.43 0.07 29.11
C GLU A 248 2.26 -0.87 27.93
N LYS A 249 1.89 -2.11 28.23
CA LYS A 249 1.66 -3.10 27.18
C LYS A 249 0.16 -3.06 26.93
N GLU A 250 -0.61 -2.71 27.96
CA GLU A 250 -2.05 -2.62 27.80
C GLU A 250 -2.25 -1.55 26.73
N VAL A 251 -1.68 -0.38 26.99
CA VAL A 251 -1.78 0.77 26.10
C VAL A 251 -1.21 0.52 24.71
N THR A 252 -0.08 -0.17 24.64
CA THR A 252 0.52 -0.42 23.34
C THR A 252 -0.38 -1.35 22.55
N ARG A 253 -0.92 -2.38 23.21
CA ARG A 253 -1.80 -3.31 22.55
C ARG A 253 -2.99 -2.56 21.99
N MET A 254 -3.53 -1.64 22.79
CA MET A 254 -4.68 -0.87 22.36
C MET A 254 -4.41 -0.04 21.12
N VAL A 255 -3.26 0.65 21.07
CA VAL A 255 -2.99 1.45 19.90
C VAL A 255 -2.92 0.54 18.69
N ILE A 256 -2.27 -0.60 18.82
CA ILE A 256 -2.19 -1.53 17.70
C ILE A 256 -3.61 -1.91 17.25
N ILE A 257 -4.50 -2.21 18.19
CA ILE A 257 -5.87 -2.56 17.82
C ILE A 257 -6.57 -1.40 17.08
N MET A 258 -6.34 -0.18 17.56
CA MET A 258 -6.92 1.00 16.96
C MET A 258 -6.41 1.16 15.53
N VAL A 259 -5.16 0.78 15.32
CA VAL A 259 -4.56 0.87 14.01
C VAL A 259 -5.17 -0.17 13.08
N ILE A 260 -5.38 -1.37 13.60
CA ILE A 260 -5.97 -2.43 12.80
C ILE A 260 -7.42 -2.10 12.46
N ALA A 261 -8.16 -1.60 13.45
CA ALA A 261 -9.57 -1.24 13.25
C ALA A 261 -9.71 -0.19 12.16
N PHE A 262 -8.77 0.75 12.12
CA PHE A 262 -8.79 1.78 11.09
C PHE A 262 -8.62 1.18 9.71
N LEU A 263 -7.71 0.21 9.59
CA LEU A 263 -7.47 -0.45 8.31
C LEU A 263 -8.69 -1.28 7.89
N ILE A 264 -9.33 -1.91 8.87
CA ILE A 264 -10.51 -2.71 8.61
C ILE A 264 -11.63 -1.82 8.12
N CYS A 265 -11.73 -0.65 8.76
CA CYS A 265 -12.75 0.33 8.45
C CYS A 265 -12.58 1.07 7.14
N TRP A 266 -11.35 1.52 6.86
CA TRP A 266 -11.09 2.32 5.67
C TRP A 266 -10.49 1.68 4.42
N LEU A 267 -9.73 0.61 4.58
CA LEU A 267 -9.12 -0.02 3.41
C LEU A 267 -10.16 -0.32 2.30
N PRO A 268 -11.34 -0.86 2.68
CA PRO A 268 -12.35 -1.16 1.65
C PRO A 268 -12.67 0.08 0.81
N TYR A 269 -12.85 1.23 1.48
CA TYR A 269 -13.16 2.48 0.79
C TYR A 269 -11.97 2.89 -0.06
N ALA A 270 -10.80 2.83 0.56
CA ALA A 270 -9.56 3.17 -0.10
C ALA A 270 -9.46 2.41 -1.43
N GLY A 271 -9.55 1.09 -1.35
CA GLY A 271 -9.47 0.28 -2.55
C GLY A 271 -10.46 0.63 -3.66
N VAL A 272 -11.75 0.78 -3.34
CA VAL A 272 -12.71 1.12 -4.38
C VAL A 272 -12.39 2.50 -4.95
N ALA A 273 -12.00 3.42 -4.10
CA ALA A 273 -11.65 4.77 -4.55
C ALA A 273 -10.50 4.71 -5.54
N PHE A 274 -9.44 4.00 -5.17
CA PHE A 274 -8.25 3.86 -6.00
C PHE A 274 -8.60 3.18 -7.32
N TYR A 275 -9.49 2.20 -7.24
CA TYR A 275 -9.92 1.49 -8.42
C TYR A 275 -10.65 2.46 -9.33
N ILE A 276 -11.74 3.04 -8.85
CA ILE A 276 -12.50 3.98 -9.65
C ILE A 276 -11.55 4.98 -10.29
N PHE A 277 -10.64 5.52 -9.50
CA PHE A 277 -9.70 6.51 -9.98
C PHE A 277 -8.84 6.02 -11.16
N THR A 278 -8.50 4.73 -11.17
CA THR A 278 -7.68 4.18 -12.24
C THR A 278 -8.51 3.44 -13.27
N HIS A 279 -9.82 3.64 -13.23
CA HIS A 279 -10.70 2.98 -14.18
C HIS A 279 -11.88 3.90 -14.42
N GLN A 280 -11.61 5.20 -14.47
CA GLN A 280 -12.67 6.17 -14.70
C GLN A 280 -13.45 5.82 -15.95
N GLY A 281 -14.77 5.96 -15.86
CA GLY A 281 -15.61 5.66 -17.00
C GLY A 281 -15.96 4.19 -17.08
N SER A 282 -15.22 3.33 -16.37
CA SER A 282 -15.49 1.90 -16.42
C SER A 282 -16.89 1.60 -15.91
N ASP A 283 -17.37 0.41 -16.21
CA ASP A 283 -18.72 0.01 -15.83
C ASP A 283 -18.89 -0.51 -14.41
N PHE A 284 -19.37 0.37 -13.53
CA PHE A 284 -19.61 -0.02 -12.14
C PHE A 284 -20.91 0.58 -11.64
N GLY A 285 -21.62 -0.17 -10.80
CA GLY A 285 -22.88 0.29 -10.26
C GLY A 285 -22.79 1.14 -9.02
N PRO A 286 -23.93 1.67 -8.55
CA PRO A 286 -23.98 2.51 -7.36
C PRO A 286 -23.68 1.74 -6.08
N ILE A 287 -23.83 0.42 -6.12
CA ILE A 287 -23.59 -0.38 -4.95
C ILE A 287 -22.09 -0.63 -4.74
N PHE A 288 -21.32 -0.43 -5.80
CA PHE A 288 -19.89 -0.65 -5.73
C PHE A 288 -19.21 0.22 -4.66
N MET A 289 -19.62 1.48 -4.54
CA MET A 289 -19.02 2.35 -3.55
C MET A 289 -19.88 2.57 -2.31
N THR A 290 -21.18 2.33 -2.44
CA THR A 290 -22.09 2.55 -1.32
C THR A 290 -21.72 1.74 -0.09
N ILE A 291 -21.49 0.44 -0.27
CA ILE A 291 -21.16 -0.38 0.89
C ILE A 291 -19.86 0.07 1.58
N PRO A 292 -18.77 0.18 0.82
CA PRO A 292 -17.55 0.61 1.51
C PRO A 292 -17.67 2.00 2.17
N ALA A 293 -18.28 2.95 1.48
CA ALA A 293 -18.43 4.29 2.00
C ALA A 293 -19.20 4.33 3.33
N PHE A 294 -20.42 3.80 3.33
CA PHE A 294 -21.22 3.78 4.55
C PHE A 294 -20.59 2.91 5.63
N PHE A 295 -19.86 1.89 5.24
CA PHE A 295 -19.20 1.05 6.22
C PHE A 295 -18.15 1.88 6.95
N ALA A 296 -17.39 2.65 6.17
CA ALA A 296 -16.35 3.49 6.71
C ALA A 296 -16.87 4.47 7.76
N LYS A 297 -18.15 4.83 7.66
CA LYS A 297 -18.70 5.80 8.59
C LYS A 297 -18.80 5.28 9.99
N THR A 298 -18.45 4.01 10.20
CA THR A 298 -18.48 3.45 11.55
C THR A 298 -17.26 4.00 12.27
N SER A 299 -16.46 4.76 11.53
CA SER A 299 -15.25 5.38 12.07
C SER A 299 -15.60 6.42 13.12
N ALA A 300 -16.86 6.86 13.11
CA ALA A 300 -17.35 7.84 14.06
C ALA A 300 -17.71 7.19 15.37
N VAL A 301 -17.68 5.85 15.40
CA VAL A 301 -18.07 5.08 16.58
C VAL A 301 -17.09 4.06 17.18
N TYR A 302 -16.37 3.31 16.36
CA TYR A 302 -15.48 2.28 16.91
C TYR A 302 -14.35 2.67 17.87
N ASN A 303 -13.79 3.88 17.75
CA ASN A 303 -12.70 4.24 18.63
C ASN A 303 -13.06 4.37 20.13
N PRO A 304 -14.09 5.15 20.47
CA PRO A 304 -14.43 5.25 21.89
C PRO A 304 -14.71 3.87 22.50
N VAL A 305 -15.30 3.00 21.68
CA VAL A 305 -15.65 1.65 22.11
C VAL A 305 -14.39 0.83 22.37
N ILE A 306 -13.40 0.89 21.47
CA ILE A 306 -12.17 0.16 21.70
C ILE A 306 -11.58 0.67 23.01
N TYR A 307 -11.61 2.00 23.15
CA TYR A 307 -11.11 2.71 24.32
C TYR A 307 -11.73 2.19 25.61
N ILE A 308 -13.05 2.28 25.70
CA ILE A 308 -13.77 1.81 26.87
C ILE A 308 -13.43 0.35 27.19
N MET A 309 -13.36 -0.49 26.16
CA MET A 309 -13.07 -1.91 26.32
C MET A 309 -11.62 -2.31 26.58
N MET A 310 -10.67 -1.45 26.25
CA MET A 310 -9.27 -1.84 26.46
C MET A 310 -8.43 -1.00 27.41
N ASN A 311 -9.01 0.05 27.99
CA ASN A 311 -8.27 0.88 28.93
C ASN A 311 -9.04 0.93 30.23
N LYS A 312 -8.67 0.04 31.15
CA LYS A 312 -9.29 -0.10 32.45
C LYS A 312 -9.49 1.20 33.20
N GLN A 313 -8.49 2.07 33.16
CA GLN A 313 -8.59 3.34 33.86
C GLN A 313 -9.71 4.18 33.27
N PHE A 314 -9.80 4.25 31.94
CA PHE A 314 -10.85 5.04 31.37
C PHE A 314 -12.19 4.38 31.67
N ARG A 315 -12.23 3.05 31.59
CA ARG A 315 -13.46 2.35 31.85
C ARG A 315 -13.98 2.62 33.27
N ASN A 316 -13.13 2.43 34.27
CA ASN A 316 -13.51 2.66 35.66
C ASN A 316 -13.99 4.08 35.91
N CYS A 317 -13.31 5.07 35.32
CA CYS A 317 -13.71 6.46 35.47
C CYS A 317 -15.11 6.64 34.91
N MET A 318 -15.37 5.96 33.80
CA MET A 318 -16.66 6.04 33.15
C MET A 318 -17.76 5.52 34.06
N VAL A 319 -17.57 4.31 34.57
CA VAL A 319 -18.55 3.69 35.48
C VAL A 319 -18.79 4.63 36.66
N THR A 320 -17.70 5.21 37.14
CA THR A 320 -17.75 6.14 38.24
C THR A 320 -18.61 7.34 37.84
N THR A 321 -18.30 7.96 36.71
CA THR A 321 -19.07 9.10 36.26
C THR A 321 -20.56 8.75 36.14
N LEU A 322 -20.84 7.60 35.53
CA LEU A 322 -22.21 7.15 35.33
C LEU A 322 -22.93 6.67 36.57
N CYS A 323 -22.18 6.27 37.60
CA CYS A 323 -22.83 5.81 38.81
C CYS A 323 -22.72 6.84 39.94
N CYS A 324 -22.01 7.94 39.65
CA CYS A 324 -21.81 9.03 40.60
C CYS A 324 -21.07 8.61 41.85
N GLY A 325 -19.82 9.05 41.95
CA GLY A 325 -19.01 8.73 43.11
C GLY A 325 -18.40 7.34 43.12
N LYS A 326 -19.21 6.34 43.47
CA LYS A 326 -18.74 4.97 43.54
C LYS A 326 -19.15 4.21 42.29
N ASN A 327 -18.38 3.20 41.91
CA ASN A 327 -18.69 2.40 40.74
C ASN A 327 -18.95 0.94 41.09
N ASP A 331 -12.57 7.87 39.31
CA ASP A 331 -12.31 9.01 40.20
C ASP A 331 -11.06 9.76 39.72
N ASP A 332 -11.10 11.09 39.82
CA ASP A 332 -9.98 11.92 39.39
C ASP A 332 -10.28 13.39 39.52
N GLU A 333 -11.30 13.82 38.95
N MET B 2 6.10 -24.32 19.82
CA MET B 2 6.63 -23.54 18.71
C MET B 2 5.99 -24.00 17.40
N ASN B 3 5.37 -23.05 16.70
CA ASN B 3 4.71 -23.35 15.44
C ASN B 3 5.75 -23.67 14.35
N GLY B 4 6.93 -23.11 14.51
CA GLY B 4 8.00 -23.34 13.56
C GLY B 4 9.23 -23.82 14.31
N THR B 5 10.36 -23.88 13.62
CA THR B 5 11.60 -24.31 14.24
C THR B 5 12.71 -23.34 13.86
N GLU B 6 13.10 -22.49 14.79
CA GLU B 6 14.16 -21.53 14.55
C GLU B 6 15.52 -22.22 14.75
N GLY B 7 16.50 -21.81 13.97
CA GLY B 7 17.84 -22.37 14.06
C GLY B 7 18.81 -21.21 14.02
N PRO B 8 20.12 -21.43 14.23
CA PRO B 8 20.99 -20.25 14.19
C PRO B 8 20.77 -19.36 12.96
N ASN B 9 20.54 -19.99 11.81
CA ASN B 9 20.37 -19.25 10.57
C ASN B 9 19.23 -19.76 9.66
N PHE B 10 18.14 -20.23 10.26
CA PHE B 10 17.04 -20.71 9.47
C PHE B 10 15.74 -20.72 10.26
N TYR B 11 14.62 -20.92 9.57
CA TYR B 11 13.32 -20.98 10.21
C TYR B 11 12.41 -21.87 9.38
N VAL B 12 12.36 -23.14 9.77
CA VAL B 12 11.53 -24.11 9.08
C VAL B 12 10.11 -23.93 9.56
N PRO B 13 9.17 -23.68 8.64
CA PRO B 13 7.79 -23.50 9.06
C PRO B 13 7.08 -24.84 9.32
N PHE B 14 7.63 -25.60 10.27
CA PHE B 14 7.08 -26.91 10.64
C PHE B 14 7.42 -27.16 12.12
N SER B 15 6.46 -27.69 12.89
CA SER B 15 6.71 -27.97 14.30
C SER B 15 7.70 -29.10 14.51
N ASN B 16 8.56 -28.98 15.51
CA ASN B 16 9.53 -30.05 15.75
C ASN B 16 9.16 -30.92 16.95
N LYS B 17 7.87 -31.05 17.23
CA LYS B 17 7.44 -31.87 18.35
C LYS B 17 7.74 -33.33 18.06
N THR B 18 7.84 -33.66 16.78
CA THR B 18 8.13 -35.03 16.36
C THR B 18 9.61 -35.24 16.04
N GLY B 19 10.43 -34.23 16.34
CA GLY B 19 11.86 -34.30 16.12
C GLY B 19 12.34 -34.51 14.69
N VAL B 20 11.44 -34.42 13.71
CA VAL B 20 11.84 -34.62 12.33
C VAL B 20 12.53 -33.43 11.67
N VAL B 21 12.19 -32.21 12.09
CA VAL B 21 12.78 -31.02 11.51
C VAL B 21 14.32 -31.09 11.51
N ARG B 22 14.91 -30.65 10.41
CA ARG B 22 16.36 -30.62 10.23
C ARG B 22 16.69 -29.27 9.57
N SER B 23 17.95 -28.88 9.57
CA SER B 23 18.36 -27.62 8.97
C SER B 23 18.35 -27.68 7.45
N PRO B 24 17.78 -26.65 6.80
CA PRO B 24 17.72 -26.58 5.33
C PRO B 24 19.11 -26.53 4.73
N PHE B 25 20.12 -26.45 5.58
CA PHE B 25 21.51 -26.39 5.13
C PHE B 25 22.23 -27.72 5.35
N GLU B 26 21.65 -28.59 6.18
CA GLU B 26 22.26 -29.88 6.49
C GLU B 26 21.59 -31.09 5.82
N ALA B 27 20.28 -31.08 5.69
CA ALA B 27 19.59 -32.23 5.11
C ALA B 27 18.29 -31.95 4.34
N PRO B 28 17.90 -32.90 3.48
CA PRO B 28 16.68 -32.80 2.66
C PRO B 28 15.48 -32.42 3.53
N GLN B 29 14.53 -31.72 2.94
CA GLN B 29 13.34 -31.27 3.68
C GLN B 29 12.08 -32.02 3.30
N TYR B 30 12.24 -33.25 2.84
CA TYR B 30 11.11 -34.08 2.40
C TYR B 30 10.01 -34.29 3.44
N TYR B 31 10.28 -34.01 4.70
CA TYR B 31 9.26 -34.16 5.73
C TYR B 31 8.28 -32.98 5.66
N LEU B 32 8.68 -31.92 4.95
CA LEU B 32 7.87 -30.71 4.77
C LEU B 32 6.73 -30.89 3.79
N ALA B 33 6.97 -31.65 2.73
CA ALA B 33 5.96 -31.91 1.71
C ALA B 33 6.37 -33.13 0.90
N GLU B 34 5.55 -33.53 -0.08
CA GLU B 34 5.87 -34.70 -0.89
C GLU B 34 7.03 -34.43 -1.84
N PRO B 35 7.91 -35.44 -2.05
CA PRO B 35 9.06 -35.28 -2.94
C PRO B 35 8.67 -34.94 -4.37
N TRP B 36 7.44 -35.29 -4.76
CA TRP B 36 7.02 -34.97 -6.12
C TRP B 36 6.81 -33.46 -6.23
N GLN B 37 6.53 -32.82 -5.09
CA GLN B 37 6.34 -31.37 -5.05
C GLN B 37 7.70 -30.67 -5.25
N PHE B 38 8.76 -31.29 -4.74
CA PHE B 38 10.10 -30.74 -4.89
C PHE B 38 10.49 -30.91 -6.34
N SER B 39 9.93 -31.94 -6.97
CA SER B 39 10.21 -32.20 -8.37
C SER B 39 9.51 -31.17 -9.23
N MET B 40 8.32 -30.73 -8.78
CA MET B 40 7.56 -29.72 -9.49
C MET B 40 8.34 -28.39 -9.46
N LEU B 41 8.86 -28.03 -8.30
CA LEU B 41 9.61 -26.78 -8.22
C LEU B 41 10.81 -26.88 -9.17
N ALA B 42 11.52 -28.00 -9.09
CA ALA B 42 12.69 -28.24 -9.92
C ALA B 42 12.33 -28.05 -11.38
N ALA B 43 11.26 -28.73 -11.80
CA ALA B 43 10.78 -28.69 -13.17
C ALA B 43 10.46 -27.25 -13.55
N TYR B 44 9.85 -26.56 -12.61
CA TYR B 44 9.47 -25.16 -12.76
C TYR B 44 10.71 -24.28 -13.01
N MET B 45 11.69 -24.36 -12.12
CA MET B 45 12.89 -23.56 -12.27
C MET B 45 13.57 -23.85 -13.60
N PHE B 46 13.54 -25.12 -13.97
CA PHE B 46 14.16 -25.54 -15.21
C PHE B 46 13.54 -24.78 -16.39
N LEU B 47 12.20 -24.70 -16.40
CA LEU B 47 11.51 -23.98 -17.46
C LEU B 47 11.89 -22.50 -17.42
N LEU B 48 11.91 -21.92 -16.23
CA LEU B 48 12.28 -20.52 -16.10
C LEU B 48 13.67 -20.30 -16.68
N ILE B 49 14.60 -21.22 -16.39
CA ILE B 49 15.95 -21.09 -16.89
C ILE B 49 15.98 -21.27 -18.40
N MET B 50 15.30 -22.31 -18.91
CA MET B 50 15.30 -22.52 -20.34
C MET B 50 14.53 -21.46 -21.14
N LEU B 51 13.62 -20.74 -20.50
CA LEU B 51 12.88 -19.68 -21.18
C LEU B 51 13.62 -18.36 -20.98
N GLY B 52 14.03 -18.12 -19.74
CA GLY B 52 14.72 -16.89 -19.40
C GLY B 52 16.06 -16.67 -20.07
N PHE B 53 16.86 -17.73 -20.17
CA PHE B 53 18.16 -17.61 -20.82
C PHE B 53 18.02 -17.08 -22.26
N PRO B 54 17.26 -17.80 -23.11
CA PRO B 54 17.12 -17.31 -24.47
C PRO B 54 16.37 -16.00 -24.71
N ILE B 55 15.26 -15.74 -24.01
CA ILE B 55 14.55 -14.48 -24.29
C ILE B 55 15.30 -13.23 -23.84
N ASN B 56 16.06 -13.34 -22.77
CA ASN B 56 16.80 -12.18 -22.29
C ASN B 56 18.02 -11.94 -23.15
N PHE B 57 18.80 -13.00 -23.38
CA PHE B 57 19.99 -12.89 -24.21
C PHE B 57 19.57 -12.33 -25.57
N LEU B 58 18.51 -12.89 -26.15
CA LEU B 58 18.00 -12.44 -27.44
C LEU B 58 17.72 -10.95 -27.38
N THR B 59 17.02 -10.51 -26.33
CA THR B 59 16.72 -9.10 -26.15
C THR B 59 18.03 -8.32 -26.16
N LEU B 60 18.95 -8.73 -25.30
CA LEU B 60 20.25 -8.08 -25.22
C LEU B 60 20.96 -8.07 -26.58
N TYR B 61 21.10 -9.24 -27.19
CA TYR B 61 21.74 -9.36 -28.50
C TYR B 61 21.11 -8.45 -29.57
N VAL B 62 19.81 -8.61 -29.80
CA VAL B 62 19.12 -7.79 -30.80
C VAL B 62 19.30 -6.29 -30.58
N THR B 63 19.33 -5.85 -29.33
CA THR B 63 19.48 -4.42 -29.03
C THR B 63 20.87 -3.92 -29.41
N VAL B 64 21.91 -4.62 -28.95
CA VAL B 64 23.28 -4.26 -29.27
C VAL B 64 23.49 -4.20 -30.78
N GLN B 65 22.97 -5.21 -31.48
CA GLN B 65 23.11 -5.30 -32.93
C GLN B 65 22.46 -4.17 -33.72
N HIS B 66 21.35 -3.64 -33.22
CA HIS B 66 20.66 -2.56 -33.92
C HIS B 66 20.93 -1.20 -33.29
N LYS B 67 21.72 -0.39 -34.00
CA LYS B 67 22.08 0.94 -33.52
C LYS B 67 20.88 1.88 -33.36
N LYS B 68 19.85 1.72 -34.19
CA LYS B 68 18.72 2.62 -34.06
C LYS B 68 17.98 2.45 -32.73
N LEU B 69 18.28 1.38 -32.02
CA LEU B 69 17.63 1.11 -30.73
C LEU B 69 18.39 1.77 -29.58
N ARG B 70 18.37 3.09 -29.53
CA ARG B 70 19.08 3.81 -28.49
C ARG B 70 18.24 4.84 -27.75
N THR B 71 16.97 4.52 -27.51
CA THR B 71 16.08 5.41 -26.79
C THR B 71 16.08 4.94 -25.34
N PRO B 72 15.50 5.74 -24.42
CA PRO B 72 15.46 5.34 -23.02
C PRO B 72 14.83 3.96 -22.81
N LEU B 73 13.70 3.71 -23.49
CA LEU B 73 13.03 2.42 -23.38
C LEU B 73 13.99 1.31 -23.80
N ASN B 74 14.58 1.45 -24.98
CA ASN B 74 15.52 0.47 -25.49
C ASN B 74 16.58 0.19 -24.41
N TYR B 75 17.05 1.26 -23.79
CA TYR B 75 18.05 1.18 -22.75
C TYR B 75 17.54 0.45 -21.51
N ILE B 76 16.34 0.82 -21.06
CA ILE B 76 15.79 0.19 -19.88
C ILE B 76 15.56 -1.29 -20.09
N LEU B 77 15.04 -1.68 -21.25
CA LEU B 77 14.82 -3.10 -21.45
C LEU B 77 16.12 -3.89 -21.63
N LEU B 78 17.14 -3.26 -22.19
CA LEU B 78 18.42 -3.94 -22.31
C LEU B 78 18.87 -4.21 -20.87
N ASN B 79 18.67 -3.22 -20.00
CA ASN B 79 19.04 -3.31 -18.58
C ASN B 79 18.38 -4.52 -17.90
N LEU B 80 17.07 -4.63 -18.08
CA LEU B 80 16.30 -5.74 -17.51
C LEU B 80 16.84 -7.06 -18.04
N ALA B 81 17.18 -7.09 -19.33
CA ALA B 81 17.70 -8.30 -19.95
C ALA B 81 18.94 -8.74 -19.19
N VAL B 82 19.80 -7.79 -18.82
CA VAL B 82 20.99 -8.14 -18.07
C VAL B 82 20.61 -8.58 -16.65
N ALA B 83 19.67 -7.86 -16.03
CA ALA B 83 19.26 -8.19 -14.68
C ALA B 83 18.70 -9.63 -14.65
N ASP B 84 17.89 -9.96 -15.66
CA ASP B 84 17.30 -11.29 -15.73
C ASP B 84 18.37 -12.37 -15.92
N LEU B 85 19.38 -12.07 -16.71
CA LEU B 85 20.41 -13.07 -16.91
C LEU B 85 21.13 -13.34 -15.60
N PHE B 86 21.20 -12.31 -14.76
CA PHE B 86 21.81 -12.43 -13.44
C PHE B 86 20.92 -13.27 -12.54
N MET B 87 19.61 -13.12 -12.69
CA MET B 87 18.68 -13.88 -11.90
C MET B 87 18.77 -15.34 -12.33
N VAL B 88 18.69 -15.56 -13.64
CA VAL B 88 18.78 -16.91 -14.15
C VAL B 88 20.06 -17.60 -13.68
N PHE B 89 21.19 -17.10 -14.15
CA PHE B 89 22.48 -17.71 -13.84
C PHE B 89 23.04 -17.52 -12.46
N GLY B 90 22.73 -16.40 -11.83
CA GLY B 90 23.25 -16.15 -10.51
C GLY B 90 22.41 -16.85 -9.46
N GLY B 91 21.10 -16.90 -9.68
CA GLY B 91 20.22 -17.53 -8.71
C GLY B 91 19.42 -18.77 -9.05
N PHE B 92 18.71 -18.77 -10.18
CA PHE B 92 17.89 -19.92 -10.54
C PHE B 92 18.62 -21.26 -10.61
N THR B 93 19.85 -21.24 -11.10
CA THR B 93 20.65 -22.47 -11.19
C THR B 93 20.79 -23.11 -9.81
N THR B 94 20.90 -22.26 -8.80
CA THR B 94 21.02 -22.70 -7.42
C THR B 94 19.69 -23.17 -6.85
N THR B 95 18.64 -22.41 -7.14
CA THR B 95 17.33 -22.79 -6.65
C THR B 95 16.92 -24.11 -7.31
N LEU B 96 17.24 -24.26 -8.60
CA LEU B 96 16.92 -25.51 -9.30
C LEU B 96 17.63 -26.65 -8.57
N TYR B 97 18.96 -26.53 -8.46
CA TYR B 97 19.77 -27.53 -7.81
C TYR B 97 19.31 -27.79 -6.38
N THR B 98 18.94 -26.74 -5.65
CA THR B 98 18.48 -26.91 -4.28
C THR B 98 17.17 -27.71 -4.28
N SER B 99 16.28 -27.41 -5.22
CA SER B 99 15.01 -28.13 -5.29
C SER B 99 15.21 -29.61 -5.58
N LEU B 100 16.21 -29.94 -6.40
CA LEU B 100 16.50 -31.32 -6.75
C LEU B 100 16.98 -32.11 -5.53
N HIS B 101 17.82 -31.50 -4.69
CA HIS B 101 18.29 -32.18 -3.50
C HIS B 101 17.36 -31.96 -2.32
N GLY B 102 16.40 -31.06 -2.47
CA GLY B 102 15.45 -30.80 -1.39
C GLY B 102 15.99 -29.95 -0.26
N TYR B 103 17.15 -29.33 -0.49
CA TYR B 103 17.76 -28.48 0.51
C TYR B 103 19.00 -27.77 -0.02
N PHE B 104 19.47 -26.77 0.70
CA PHE B 104 20.64 -26.02 0.28
C PHE B 104 21.98 -26.73 0.53
N VAL B 105 22.33 -27.66 -0.35
CA VAL B 105 23.59 -28.39 -0.20
C VAL B 105 24.77 -27.44 -0.32
N PHE B 106 24.54 -26.27 -0.89
CA PHE B 106 25.59 -25.27 -1.03
C PHE B 106 25.62 -24.41 0.23
N GLY B 107 24.91 -24.84 1.26
CA GLY B 107 24.85 -24.10 2.51
C GLY B 107 24.42 -22.66 2.36
N PRO B 108 24.67 -21.83 3.38
CA PRO B 108 24.30 -20.41 3.36
C PRO B 108 24.81 -19.65 2.14
N THR B 109 25.95 -20.04 1.62
CA THR B 109 26.47 -19.35 0.46
C THR B 109 25.51 -19.52 -0.72
N GLY B 110 24.90 -20.70 -0.82
CA GLY B 110 23.95 -20.93 -1.90
C GLY B 110 22.69 -20.08 -1.69
N CYS B 111 22.24 -20.05 -0.44
CA CYS B 111 21.08 -19.29 -0.07
C CYS B 111 21.31 -17.82 -0.35
N ASN B 112 22.55 -17.34 -0.20
CA ASN B 112 22.82 -15.95 -0.48
C ASN B 112 22.67 -15.66 -1.95
N LEU B 113 23.21 -16.55 -2.78
CA LEU B 113 23.10 -16.40 -4.22
C LEU B 113 21.61 -16.32 -4.67
N GLU B 114 20.83 -17.29 -4.20
CA GLU B 114 19.43 -17.39 -4.54
C GLU B 114 18.67 -16.13 -4.11
N GLY B 115 18.93 -15.69 -2.88
CA GLY B 115 18.26 -14.51 -2.35
C GLY B 115 18.76 -13.21 -2.95
N PHE B 116 20.06 -13.08 -3.09
CA PHE B 116 20.62 -11.87 -3.65
C PHE B 116 20.05 -11.54 -5.05
N PHE B 117 20.33 -12.40 -6.02
CA PHE B 117 19.90 -12.18 -7.40
C PHE B 117 18.38 -12.08 -7.61
N ALA B 118 17.62 -12.74 -6.75
CA ALA B 118 16.19 -12.64 -6.90
C ALA B 118 15.88 -11.22 -6.48
N THR B 119 16.35 -10.87 -5.29
CA THR B 119 16.10 -9.53 -4.76
C THR B 119 16.63 -8.48 -5.71
N LEU B 120 17.82 -8.71 -6.24
CA LEU B 120 18.43 -7.77 -7.17
C LEU B 120 17.58 -7.59 -8.41
N GLY B 121 17.16 -8.72 -8.99
CA GLY B 121 16.36 -8.68 -10.20
C GLY B 121 15.02 -8.00 -10.01
N GLY B 122 14.34 -8.34 -8.94
CA GLY B 122 13.06 -7.74 -8.68
C GLY B 122 13.19 -6.22 -8.50
N GLU B 123 14.17 -5.80 -7.69
CA GLU B 123 14.38 -4.38 -7.45
C GLU B 123 14.82 -3.64 -8.70
N ILE B 124 15.67 -4.26 -9.51
CA ILE B 124 16.11 -3.61 -10.75
C ILE B 124 14.89 -3.37 -11.62
N ALA B 125 13.98 -4.33 -11.60
CA ALA B 125 12.76 -4.19 -12.38
C ALA B 125 11.90 -3.06 -11.82
N LEU B 126 11.81 -2.96 -10.48
CA LEU B 126 11.00 -1.94 -9.84
C LEU B 126 11.53 -0.54 -10.12
N TRP B 127 12.80 -0.32 -9.81
CA TRP B 127 13.37 1.00 -10.04
C TRP B 127 13.45 1.34 -11.51
N SER B 128 13.55 0.32 -12.37
CA SER B 128 13.57 0.60 -13.79
C SER B 128 12.21 1.18 -14.14
N LEU B 129 11.15 0.66 -13.53
CA LEU B 129 9.82 1.18 -13.77
C LEU B 129 9.75 2.65 -13.41
N VAL B 130 10.45 3.05 -12.36
CA VAL B 130 10.48 4.44 -11.92
C VAL B 130 11.10 5.30 -13.02
N VAL B 131 12.29 4.90 -13.46
CA VAL B 131 12.96 5.62 -14.55
C VAL B 131 12.08 5.75 -15.79
N LEU B 132 11.36 4.69 -16.16
CA LEU B 132 10.50 4.76 -17.33
C LEU B 132 9.33 5.71 -17.14
N ALA B 133 8.69 5.63 -15.97
CA ALA B 133 7.57 6.50 -15.67
C ALA B 133 8.00 7.96 -15.73
N ILE B 134 9.19 8.23 -15.21
CA ILE B 134 9.73 9.59 -15.20
C ILE B 134 10.01 10.04 -16.62
N GLU B 135 10.59 9.13 -17.41
CA GLU B 135 10.90 9.41 -18.81
C GLU B 135 9.58 9.67 -19.56
N ARG B 136 8.54 8.88 -19.28
CA ARG B 136 7.26 9.10 -19.95
C ARG B 136 6.72 10.45 -19.50
N TYR B 137 6.95 10.79 -18.23
CA TYR B 137 6.51 12.06 -17.68
C TYR B 137 7.17 13.21 -18.41
N VAL B 138 8.50 13.20 -18.39
CA VAL B 138 9.26 14.24 -19.06
C VAL B 138 8.94 14.37 -20.55
N VAL B 139 8.88 13.24 -21.24
CA VAL B 139 8.62 13.23 -22.67
C VAL B 139 7.18 13.53 -23.11
N VAL B 140 6.22 13.24 -22.25
CA VAL B 140 4.82 13.45 -22.63
C VAL B 140 4.21 14.72 -22.06
N CYS B 141 4.91 15.36 -21.12
CA CYS B 141 4.39 16.56 -20.51
C CYS B 141 5.37 17.74 -20.51
N LYS B 142 6.63 17.48 -20.88
CA LYS B 142 7.67 18.51 -20.93
C LYS B 142 7.67 19.50 -19.74
N PRO B 143 7.47 19.01 -18.51
CA PRO B 143 7.48 19.93 -17.37
C PRO B 143 8.76 20.74 -17.17
N MET B 144 9.72 20.16 -16.45
CA MET B 144 11.01 20.79 -16.14
C MET B 144 11.37 22.04 -16.95
N SER B 145 12.08 21.85 -18.06
CA SER B 145 12.47 22.97 -18.91
C SER B 145 12.65 22.47 -20.33
N ASN B 146 13.71 22.90 -20.99
CA ASN B 146 13.99 22.47 -22.35
C ASN B 146 15.24 21.58 -22.34
N PHE B 147 15.23 20.53 -21.53
CA PHE B 147 16.37 19.63 -21.47
C PHE B 147 16.06 18.38 -22.26
N ARG B 148 17.09 17.61 -22.57
CA ARG B 148 16.94 16.41 -23.35
C ARG B 148 17.19 15.11 -22.57
N PHE B 149 16.13 14.37 -22.29
CA PHE B 149 16.27 13.09 -21.61
C PHE B 149 16.73 12.16 -22.74
N GLY B 150 17.95 12.38 -23.22
CA GLY B 150 18.49 11.58 -24.29
C GLY B 150 19.33 10.40 -23.83
N GLU B 151 20.25 9.99 -24.68
CA GLU B 151 21.11 8.86 -24.39
C GLU B 151 21.90 8.99 -23.09
N ASN B 152 22.39 10.19 -22.84
CA ASN B 152 23.18 10.45 -21.65
C ASN B 152 22.39 10.12 -20.39
N HIS B 153 21.16 10.61 -20.31
CA HIS B 153 20.33 10.35 -19.14
C HIS B 153 19.95 8.87 -19.08
N ALA B 154 19.90 8.22 -20.24
CA ALA B 154 19.56 6.80 -20.31
C ALA B 154 20.59 6.04 -19.47
N ILE B 155 21.86 6.29 -19.75
CA ILE B 155 22.95 5.65 -19.03
C ILE B 155 22.78 5.95 -17.54
N MET B 156 22.61 7.24 -17.21
CA MET B 156 22.43 7.62 -15.82
C MET B 156 21.21 6.96 -15.23
N GLY B 157 20.19 6.75 -16.05
CA GLY B 157 18.99 6.08 -15.59
C GLY B 157 19.29 4.64 -15.20
N VAL B 158 20.03 3.93 -16.06
CA VAL B 158 20.39 2.55 -15.81
C VAL B 158 21.24 2.43 -14.54
N ALA B 159 22.31 3.21 -14.44
CA ALA B 159 23.17 3.15 -13.25
C ALA B 159 22.35 3.33 -11.99
N PHE B 160 21.42 4.27 -12.06
CA PHE B 160 20.54 4.57 -10.94
C PHE B 160 19.84 3.32 -10.43
N THR B 161 19.22 2.55 -11.33
CA THR B 161 18.51 1.33 -10.97
C THR B 161 19.41 0.34 -10.24
N TRP B 162 20.68 0.27 -10.62
CA TRP B 162 21.58 -0.67 -9.97
C TRP B 162 21.93 -0.18 -8.60
N VAL B 163 22.04 1.13 -8.47
CA VAL B 163 22.38 1.71 -7.17
C VAL B 163 21.28 1.41 -6.18
N MET B 164 20.05 1.73 -6.52
CA MET B 164 18.96 1.46 -5.61
C MET B 164 18.84 -0.04 -5.31
N ALA B 165 18.74 -0.84 -6.36
CA ALA B 165 18.60 -2.28 -6.18
C ALA B 165 19.71 -2.91 -5.31
N LEU B 166 20.96 -2.43 -5.42
CA LEU B 166 22.02 -2.99 -4.61
C LEU B 166 21.87 -2.50 -3.18
N ALA B 167 21.30 -1.31 -3.04
CA ALA B 167 21.06 -0.71 -1.74
C ALA B 167 20.06 -1.58 -0.98
N CYS B 168 19.29 -2.38 -1.71
CA CYS B 168 18.32 -3.25 -1.08
C CYS B 168 18.82 -4.69 -0.95
N ALA B 169 19.46 -5.19 -2.00
CA ALA B 169 19.95 -6.56 -2.03
C ALA B 169 21.26 -6.87 -1.32
N ALA B 170 22.19 -5.91 -1.29
CA ALA B 170 23.50 -6.15 -0.67
C ALA B 170 23.63 -6.10 0.86
N PRO B 171 23.01 -5.09 1.52
CA PRO B 171 23.11 -4.97 2.98
C PRO B 171 22.95 -6.28 3.74
N PRO B 172 21.99 -7.13 3.31
CA PRO B 172 21.81 -8.42 4.00
C PRO B 172 22.97 -9.40 3.75
N LEU B 173 23.90 -9.03 2.89
CA LEU B 173 25.07 -9.89 2.64
C LEU B 173 26.17 -9.57 3.64
N VAL B 174 26.15 -8.35 4.17
CA VAL B 174 27.17 -7.91 5.10
C VAL B 174 26.71 -7.51 6.50
N GLY B 175 25.64 -8.10 7.02
CA GLY B 175 25.24 -7.75 8.37
C GLY B 175 23.89 -7.09 8.63
N TRP B 176 23.27 -6.47 7.64
CA TRP B 176 21.97 -5.86 7.89
C TRP B 176 20.89 -6.79 7.32
N SER B 177 20.26 -7.55 8.21
CA SER B 177 19.27 -8.54 7.83
C SER B 177 20.08 -9.66 7.19
N ARG B 178 19.40 -10.64 6.61
CA ARG B 178 20.09 -11.76 5.98
C ARG B 178 19.17 -12.59 5.08
N TYR B 179 19.75 -13.29 4.11
CA TYR B 179 18.97 -14.15 3.24
C TYR B 179 18.72 -15.45 3.99
N ILE B 180 17.48 -15.93 3.95
CA ILE B 180 17.13 -17.12 4.69
C ILE B 180 16.13 -17.99 3.92
N PRO B 181 16.19 -19.32 4.10
CA PRO B 181 15.25 -20.19 3.39
C PRO B 181 13.78 -19.90 3.69
N GLU B 182 12.93 -20.06 2.69
CA GLU B 182 11.51 -19.82 2.84
C GLU B 182 10.68 -20.99 2.35
N GLY B 183 9.43 -21.05 2.80
CA GLY B 183 8.53 -22.11 2.37
C GLY B 183 9.05 -23.52 2.49
N MET B 184 9.15 -24.23 1.37
CA MET B 184 9.65 -25.59 1.37
C MET B 184 11.15 -25.57 1.54
N GLN B 185 11.70 -24.39 1.85
CA GLN B 185 13.12 -24.23 2.08
C GLN B 185 13.99 -24.36 0.85
N CYS B 186 13.45 -24.11 -0.33
CA CYS B 186 14.27 -24.23 -1.54
C CYS B 186 14.51 -22.94 -2.30
N SER B 187 14.17 -21.82 -1.66
CA SER B 187 14.39 -20.50 -2.24
C SER B 187 14.65 -19.66 -1.01
N CYS B 188 15.36 -18.56 -1.19
CA CYS B 188 15.70 -17.72 -0.06
C CYS B 188 15.24 -16.29 -0.22
N GLY B 189 14.77 -15.72 0.87
CA GLY B 189 14.30 -14.34 0.86
C GLY B 189 14.81 -13.58 2.06
N ILE B 190 14.41 -12.32 2.18
CA ILE B 190 14.83 -11.52 3.31
C ILE B 190 14.23 -12.13 4.59
N ASP B 191 14.89 -11.95 5.72
CA ASP B 191 14.37 -12.54 6.96
C ASP B 191 13.21 -11.75 7.60
N TYR B 192 11.99 -12.16 7.28
CA TYR B 192 10.78 -11.54 7.85
C TYR B 192 10.34 -12.46 8.98
N TYR B 193 11.05 -13.58 9.11
CA TYR B 193 10.70 -14.61 10.07
C TYR B 193 11.14 -14.44 11.52
N THR B 194 12.31 -13.87 11.74
CA THR B 194 12.81 -13.67 13.09
C THR B 194 13.29 -12.24 13.33
N PRO B 195 13.39 -11.83 14.59
CA PRO B 195 13.85 -10.48 14.91
C PRO B 195 15.37 -10.42 14.80
N HIS B 196 16.01 -11.51 15.19
CA HIS B 196 17.46 -11.65 15.17
C HIS B 196 18.17 -10.29 15.24
N GLU B 197 18.02 -9.65 16.40
CA GLU B 197 18.58 -8.31 16.66
C GLU B 197 20.04 -8.07 16.28
N GLU B 198 20.85 -9.12 16.22
CA GLU B 198 22.28 -9.00 15.88
C GLU B 198 22.49 -8.49 14.46
N THR B 199 21.51 -8.71 13.59
CA THR B 199 21.62 -8.25 12.22
C THR B 199 20.54 -7.20 11.94
N ASN B 200 19.94 -6.72 13.02
CA ASN B 200 18.91 -5.68 12.95
C ASN B 200 17.83 -5.95 11.92
N ASN B 201 17.29 -7.16 11.95
CA ASN B 201 16.26 -7.55 11.00
C ASN B 201 15.10 -6.57 10.87
N GLU B 202 14.43 -6.32 11.98
CA GLU B 202 13.29 -5.42 12.00
C GLU B 202 13.49 -4.14 11.17
N SER B 203 14.57 -3.42 11.43
CA SER B 203 14.77 -2.17 10.71
C SER B 203 15.00 -2.32 9.22
N PHE B 204 15.53 -3.46 8.80
CA PHE B 204 15.77 -3.67 7.37
C PHE B 204 14.47 -3.92 6.64
N VAL B 205 13.64 -4.79 7.19
CA VAL B 205 12.35 -5.08 6.57
C VAL B 205 11.58 -3.77 6.34
N ILE B 206 11.57 -2.91 7.36
CA ILE B 206 10.89 -1.62 7.28
C ILE B 206 11.52 -0.80 6.15
N TYR B 207 12.83 -0.73 6.17
CA TYR B 207 13.61 0.00 5.17
C TYR B 207 13.22 -0.48 3.77
N MET B 208 13.18 -1.80 3.62
CA MET B 208 12.85 -2.44 2.35
C MET B 208 11.46 -2.10 1.83
N PHE B 209 10.43 -2.34 2.64
CA PHE B 209 9.06 -2.05 2.22
C PHE B 209 8.81 -0.58 1.95
N VAL B 210 9.49 0.28 2.68
CA VAL B 210 9.29 1.71 2.53
C VAL B 210 10.07 2.32 1.38
N VAL B 211 11.36 2.07 1.37
CA VAL B 211 12.23 2.63 0.34
C VAL B 211 12.25 1.81 -0.94
N HIS B 212 12.12 0.49 -0.83
CA HIS B 212 12.18 -0.37 -1.99
C HIS B 212 10.89 -1.00 -2.45
N PHE B 213 9.79 -0.37 -2.09
CA PHE B 213 8.48 -0.82 -2.52
C PHE B 213 7.57 0.38 -2.59
N ILE B 214 7.22 0.92 -1.43
CA ILE B 214 6.34 2.08 -1.34
C ILE B 214 6.81 3.33 -2.08
N ILE B 215 7.99 3.84 -1.74
CA ILE B 215 8.46 5.06 -2.40
C ILE B 215 8.40 4.92 -3.93
N PRO B 216 8.99 3.85 -4.48
CA PRO B 216 8.95 3.66 -5.93
C PRO B 216 7.51 3.74 -6.48
N LEU B 217 6.57 3.09 -5.79
CA LEU B 217 5.19 3.13 -6.22
C LEU B 217 4.60 4.54 -6.14
N ILE B 218 4.95 5.30 -5.10
CA ILE B 218 4.51 6.69 -4.97
C ILE B 218 4.99 7.44 -6.21
N VAL B 219 6.27 7.35 -6.50
CA VAL B 219 6.84 8.03 -7.66
C VAL B 219 6.13 7.68 -8.97
N ILE B 220 5.90 6.39 -9.20
CA ILE B 220 5.23 5.97 -10.43
C ILE B 220 3.78 6.48 -10.44
N PHE B 221 3.13 6.39 -9.29
CA PHE B 221 1.75 6.86 -9.15
C PHE B 221 1.64 8.35 -9.50
N PHE B 222 2.64 9.10 -9.08
CA PHE B 222 2.70 10.54 -9.34
C PHE B 222 2.78 10.74 -10.84
N CYS B 223 3.71 10.04 -11.48
CA CYS B 223 3.90 10.14 -12.91
C CYS B 223 2.63 9.76 -13.64
N TYR B 224 1.98 8.69 -13.19
CA TYR B 224 0.73 8.25 -13.78
C TYR B 224 -0.28 9.38 -13.66
N GLY B 225 -0.19 10.13 -12.56
CA GLY B 225 -1.10 11.24 -12.36
C GLY B 225 -0.92 12.28 -13.44
N GLN B 226 0.33 12.73 -13.62
CA GLN B 226 0.66 13.73 -14.62
C GLN B 226 0.28 13.30 -16.05
N LEU B 227 0.29 12.00 -16.35
CA LEU B 227 -0.05 11.53 -17.69
C LEU B 227 -1.56 11.47 -17.95
N VAL B 228 -2.34 11.11 -16.94
CA VAL B 228 -3.79 11.04 -17.10
C VAL B 228 -4.28 12.47 -17.32
N PHE B 229 -3.77 13.38 -16.48
CA PHE B 229 -4.11 14.80 -16.54
C PHE B 229 -3.82 15.36 -17.95
N THR B 230 -2.57 15.22 -18.40
CA THR B 230 -2.15 15.70 -19.71
C THR B 230 -2.91 15.09 -20.90
N VAL B 231 -3.01 13.77 -20.94
CA VAL B 231 -3.74 13.12 -22.03
C VAL B 231 -5.18 13.66 -22.01
N LYS B 232 -5.48 14.45 -20.99
CA LYS B 232 -6.80 15.04 -20.83
C LYS B 232 -6.85 16.54 -21.19
N GLU B 233 -6.02 17.36 -20.57
CA GLU B 233 -6.04 18.80 -20.87
C GLU B 233 -4.69 19.52 -21.01
N ALA B 234 -3.63 18.95 -20.46
CA ALA B 234 -2.32 19.59 -20.56
C ALA B 234 -1.58 19.16 -21.85
N ALA B 235 -2.31 18.54 -22.77
CA ALA B 235 -1.73 18.07 -24.04
C ALA B 235 -2.35 18.73 -25.27
N ALA B 236 -3.64 19.06 -25.19
CA ALA B 236 -4.32 19.70 -26.31
C ALA B 236 -3.73 21.09 -26.54
N GLN B 237 -3.12 21.64 -25.49
CA GLN B 237 -2.49 22.95 -25.56
C GLN B 237 -0.99 22.84 -25.84
N GLN B 238 -0.41 21.68 -25.55
CA GLN B 238 1.00 21.45 -25.80
C GLN B 238 1.16 20.89 -27.21
N GLN B 239 0.12 21.12 -28.02
CA GLN B 239 0.06 20.66 -29.41
C GLN B 239 0.82 19.37 -29.68
N GLU B 240 0.15 18.24 -29.44
CA GLU B 240 0.75 16.94 -29.68
C GLU B 240 0.19 16.38 -30.99
N SER B 241 1.02 16.39 -32.03
CA SER B 241 0.58 15.88 -33.33
C SER B 241 0.03 14.48 -33.18
N ALA B 242 -1.15 14.25 -33.74
CA ALA B 242 -1.79 12.93 -33.65
C ALA B 242 -0.90 11.81 -34.16
N THR B 243 0.09 12.14 -34.99
CA THR B 243 1.01 11.14 -35.54
C THR B 243 2.05 10.67 -34.53
N THR B 244 2.45 11.59 -33.65
CA THR B 244 3.44 11.27 -32.62
C THR B 244 2.76 10.52 -31.47
N GLN B 245 1.61 11.03 -31.04
CA GLN B 245 0.86 10.43 -29.95
C GLN B 245 0.56 8.96 -30.15
N LYS B 246 0.28 8.56 -31.39
CA LYS B 246 -0.05 7.17 -31.66
C LYS B 246 1.15 6.25 -31.42
N ALA B 247 2.36 6.80 -31.51
CA ALA B 247 3.57 6.02 -31.29
C ALA B 247 4.06 6.24 -29.87
N GLU B 248 3.66 7.36 -29.28
CA GLU B 248 4.04 7.69 -27.90
C GLU B 248 2.98 7.15 -26.95
N LYS B 249 1.88 6.66 -27.52
CA LYS B 249 0.82 6.09 -26.73
C LYS B 249 1.11 4.59 -26.69
N GLU B 250 1.73 4.08 -27.75
CA GLU B 250 2.08 2.67 -27.80
C GLU B 250 3.00 2.45 -26.60
N VAL B 251 4.05 3.26 -26.54
CA VAL B 251 5.05 3.17 -25.49
C VAL B 251 4.49 3.44 -24.09
N THR B 252 3.60 4.41 -23.97
CA THR B 252 3.04 4.72 -22.67
C THR B 252 2.19 3.54 -22.21
N ARG B 253 1.42 2.97 -23.14
CA ARG B 253 0.59 1.84 -22.79
C ARG B 253 1.45 0.69 -22.28
N MET B 254 2.56 0.46 -22.97
CA MET B 254 3.45 -0.62 -22.58
C MET B 254 4.03 -0.43 -21.19
N VAL B 255 4.44 0.78 -20.85
CA VAL B 255 5.00 0.98 -19.52
C VAL B 255 3.92 0.66 -18.50
N ILE B 256 2.70 1.15 -18.73
CA ILE B 256 1.61 0.87 -17.80
C ILE B 256 1.45 -0.65 -17.65
N ILE B 257 1.46 -1.39 -18.75
CA ILE B 257 1.33 -2.84 -18.66
C ILE B 257 2.48 -3.46 -17.87
N MET B 258 3.70 -2.97 -18.09
CA MET B 258 4.85 -3.48 -17.36
C MET B 258 4.70 -3.21 -15.88
N VAL B 259 4.06 -2.09 -15.55
CA VAL B 259 3.83 -1.72 -14.15
C VAL B 259 2.78 -2.65 -13.56
N ILE B 260 1.74 -2.94 -14.33
CA ILE B 260 0.71 -3.83 -13.83
C ILE B 260 1.27 -5.25 -13.65
N ALA B 261 2.03 -5.73 -14.64
CA ALA B 261 2.63 -7.07 -14.58
C ALA B 261 3.49 -7.23 -13.33
N PHE B 262 4.25 -6.18 -13.00
CA PHE B 262 5.10 -6.21 -11.81
C PHE B 262 4.25 -6.39 -10.54
N LEU B 263 3.12 -5.70 -10.47
CA LEU B 263 2.24 -5.80 -9.30
C LEU B 263 1.59 -7.19 -9.23
N ILE B 264 1.25 -7.74 -10.41
CA ILE B 264 0.66 -9.07 -10.48
C ILE B 264 1.69 -10.09 -10.02
N CYS B 265 2.93 -9.88 -10.46
CA CYS B 265 4.03 -10.77 -10.11
C CYS B 265 4.52 -10.72 -8.66
N TRP B 266 4.67 -9.51 -8.12
CA TRP B 266 5.22 -9.35 -6.77
C TRP B 266 4.30 -9.09 -5.59
N LEU B 267 3.15 -8.49 -5.82
CA LEU B 267 2.23 -8.23 -4.72
C LEU B 267 1.95 -9.49 -3.87
N PRO B 268 1.74 -10.65 -4.52
CA PRO B 268 1.48 -11.86 -3.74
C PRO B 268 2.61 -12.09 -2.73
N TYR B 269 3.86 -12.03 -3.21
CA TYR B 269 5.01 -12.24 -2.34
C TYR B 269 5.05 -11.15 -1.28
N ALA B 270 4.88 -9.92 -1.72
CA ALA B 270 4.87 -8.78 -0.83
C ALA B 270 3.96 -9.05 0.35
N GLY B 271 2.69 -9.35 0.06
CA GLY B 271 1.73 -9.61 1.12
C GLY B 271 2.07 -10.72 2.09
N VAL B 272 2.49 -11.87 1.60
CA VAL B 272 2.84 -12.96 2.50
C VAL B 272 4.02 -12.53 3.38
N ALA B 273 4.97 -11.83 2.80
CA ALA B 273 6.13 -11.37 3.55
C ALA B 273 5.71 -10.42 4.65
N PHE B 274 4.87 -9.47 4.31
CA PHE B 274 4.37 -8.48 5.28
C PHE B 274 3.58 -9.18 6.38
N TYR B 275 2.83 -10.20 6.00
CA TYR B 275 2.04 -10.94 6.95
C TYR B 275 2.98 -11.64 7.91
N ILE B 276 3.80 -12.54 7.36
CA ILE B 276 4.75 -13.25 8.19
C ILE B 276 5.44 -12.28 9.13
N PHE B 277 5.92 -11.18 8.58
CA PHE B 277 6.62 -10.18 9.40
C PHE B 277 5.80 -9.63 10.57
N THR B 278 4.50 -9.53 10.39
CA THR B 278 3.64 -9.01 11.44
C THR B 278 2.90 -10.13 12.19
N HIS B 279 3.37 -11.35 12.01
CA HIS B 279 2.77 -12.49 12.67
C HIS B 279 3.84 -13.53 12.88
N GLN B 280 5.04 -13.07 13.20
CA GLN B 280 6.15 -14.00 13.42
C GLN B 280 5.78 -15.03 14.47
N GLY B 281 6.16 -16.27 14.20
CA GLY B 281 5.88 -17.36 15.12
C GLY B 281 4.49 -17.94 14.91
N SER B 282 3.62 -17.23 14.18
CA SER B 282 2.28 -17.72 13.93
C SER B 282 2.33 -19.04 13.16
N ASP B 283 1.21 -19.76 13.17
CA ASP B 283 1.13 -21.06 12.52
C ASP B 283 0.89 -21.04 11.02
N PHE B 284 1.96 -21.20 10.24
CA PHE B 284 1.82 -21.26 8.79
C PHE B 284 2.75 -22.31 8.21
N GLY B 285 2.29 -22.96 7.15
CA GLY B 285 3.07 -24.01 6.51
C GLY B 285 4.07 -23.57 5.47
N PRO B 286 4.85 -24.51 4.94
CA PRO B 286 5.87 -24.21 3.91
C PRO B 286 5.26 -23.81 2.57
N ILE B 287 4.00 -24.17 2.36
CA ILE B 287 3.36 -23.84 1.10
C ILE B 287 2.87 -22.40 1.08
N PHE B 288 2.71 -21.81 2.26
CA PHE B 288 2.26 -20.43 2.37
C PHE B 288 3.12 -19.45 1.58
N MET B 289 4.44 -19.60 1.67
CA MET B 289 5.34 -18.70 0.96
C MET B 289 5.90 -19.29 -0.35
N THR B 290 5.90 -20.61 -0.46
CA THR B 290 6.45 -21.25 -1.66
C THR B 290 5.80 -20.81 -2.95
N ILE B 291 4.47 -20.81 -2.97
CA ILE B 291 3.76 -20.41 -4.19
C ILE B 291 4.06 -18.97 -4.59
N PRO B 292 3.85 -18.00 -3.68
CA PRO B 292 4.15 -16.63 -4.09
C PRO B 292 5.63 -16.41 -4.49
N ALA B 293 6.54 -16.99 -3.71
CA ALA B 293 7.97 -16.86 -3.96
C ALA B 293 8.37 -17.33 -5.34
N PHE B 294 8.04 -18.58 -5.65
CA PHE B 294 8.39 -19.14 -6.96
C PHE B 294 7.62 -18.47 -8.07
N PHE B 295 6.41 -17.98 -7.77
CA PHE B 295 5.63 -17.32 -8.79
C PHE B 295 6.35 -16.03 -9.17
N ALA B 296 6.81 -15.31 -8.16
CA ALA B 296 7.51 -14.06 -8.39
C ALA B 296 8.72 -14.24 -9.31
N LYS B 297 9.30 -15.44 -9.30
CA LYS B 297 10.48 -15.67 -10.13
C LYS B 297 10.22 -15.56 -11.63
N THR B 298 8.95 -15.43 -12.00
CA THR B 298 8.61 -15.28 -13.41
C THR B 298 9.02 -13.87 -13.83
N SER B 299 9.49 -13.10 -12.85
CA SER B 299 9.94 -11.74 -13.09
C SER B 299 11.18 -11.72 -13.98
N ALA B 300 11.86 -12.86 -14.04
CA ALA B 300 13.05 -13.00 -14.87
C ALA B 300 12.67 -13.23 -16.32
N VAL B 301 11.37 -13.39 -16.58
CA VAL B 301 10.89 -13.67 -17.92
C VAL B 301 9.82 -12.77 -18.56
N TYR B 302 8.82 -12.35 -17.80
CA TYR B 302 7.74 -11.56 -18.39
C TYR B 302 8.05 -10.24 -19.09
N ASN B 303 9.08 -9.52 -18.66
CA ASN B 303 9.36 -8.23 -19.31
C ASN B 303 9.78 -8.29 -20.77
N PRO B 304 10.79 -9.09 -21.11
CA PRO B 304 11.18 -9.16 -22.52
C PRO B 304 9.99 -9.55 -23.39
N VAL B 305 9.15 -10.43 -22.86
CA VAL B 305 7.96 -10.89 -23.56
C VAL B 305 6.96 -9.75 -23.80
N ILE B 306 6.65 -8.96 -22.77
CA ILE B 306 5.74 -7.83 -22.94
C ILE B 306 6.35 -6.92 -24.01
N TYR B 307 7.66 -6.74 -23.91
CA TYR B 307 8.45 -5.91 -24.82
C TYR B 307 8.24 -6.33 -26.27
N ILE B 308 8.60 -7.57 -26.56
CA ILE B 308 8.47 -8.12 -27.90
C ILE B 308 7.03 -7.98 -28.40
N MET B 309 6.06 -8.25 -27.52
CA MET B 309 4.65 -8.18 -27.91
C MET B 309 4.03 -6.79 -28.01
N MET B 310 4.63 -5.79 -27.39
CA MET B 310 4.01 -4.46 -27.45
C MET B 310 4.79 -3.33 -28.12
N ASN B 311 6.02 -3.62 -28.56
CA ASN B 311 6.83 -2.60 -29.21
C ASN B 311 7.23 -3.11 -30.59
N LYS B 312 6.44 -2.69 -31.58
CA LYS B 312 6.62 -3.08 -32.97
C LYS B 312 8.03 -2.93 -33.49
N GLN B 313 8.68 -1.83 -33.13
CA GLN B 313 10.04 -1.59 -33.59
C GLN B 313 10.98 -2.67 -33.06
N PHE B 314 10.86 -2.98 -31.76
CA PHE B 314 11.72 -3.99 -31.21
C PHE B 314 11.39 -5.34 -31.82
N ARG B 315 10.10 -5.59 -32.01
CA ARG B 315 9.70 -6.87 -32.58
C ARG B 315 10.28 -7.07 -33.98
N ASN B 316 10.08 -6.09 -34.86
CA ASN B 316 10.58 -6.16 -36.22
C ASN B 316 12.09 -6.35 -36.27
N CYS B 317 12.80 -5.62 -35.42
CA CYS B 317 14.26 -5.76 -35.39
C CYS B 317 14.61 -7.19 -35.03
N MET B 318 13.86 -7.74 -34.09
CA MET B 318 14.07 -9.11 -33.65
C MET B 318 13.90 -10.10 -34.80
N VAL B 319 12.77 -10.03 -35.48
CA VAL B 319 12.49 -10.91 -36.61
C VAL B 319 13.62 -10.78 -37.63
N THR B 320 14.09 -9.55 -37.82
CA THR B 320 15.17 -9.25 -38.74
C THR B 320 16.44 -9.94 -38.27
N THR B 321 16.79 -9.74 -37.00
CA THR B 321 17.98 -10.39 -36.47
C THR B 321 17.90 -11.91 -36.67
N LEU B 322 16.75 -12.49 -36.32
CA LEU B 322 16.55 -13.92 -36.41
C LEU B 322 16.40 -14.46 -37.83
N CYS B 323 16.03 -13.61 -38.78
CA CYS B 323 15.87 -14.07 -40.15
C CYS B 323 17.05 -13.65 -41.02
N CYS B 324 18.00 -12.94 -40.41
CA CYS B 324 19.19 -12.46 -41.10
C CYS B 324 18.86 -11.61 -42.33
N GLY B 325 18.75 -10.31 -42.12
CA GLY B 325 18.45 -9.42 -43.23
C GLY B 325 17.08 -8.79 -43.20
N LYS B 326 16.05 -9.61 -43.39
CA LYS B 326 14.68 -9.06 -43.39
C LYS B 326 13.57 -9.98 -42.94
N ASN B 327 12.45 -9.37 -42.55
CA ASN B 327 11.26 -10.08 -42.08
C ASN B 327 10.91 -11.22 -43.03
N ASP B 331 16.05 -3.70 -38.66
CA ASP B 331 17.30 -3.16 -39.20
C ASP B 331 17.72 -1.91 -38.45
N ASP B 332 19.03 -1.72 -38.29
CA ASP B 332 19.57 -0.56 -37.58
C ASP B 332 21.08 -0.56 -37.51
N GLU B 333 21.64 -1.57 -37.02
#